data_8Q2A
#
_entry.id   8Q2A
#
_cell.length_a   69.141
_cell.length_b   75.324
_cell.length_c   116.863
_cell.angle_alpha   90.000
_cell.angle_beta   90.000
_cell.angle_gamma   90.000
#
_symmetry.space_group_name_H-M   'P 21 21 21'
#
loop_
_entity.id
_entity.type
_entity.pdbx_description
1 polymer 'Putative lipoprotein'
2 non-polymer 'CALCIUM ION'
3 water water
#
_entity_poly.entity_id   1
_entity_poly.type   'polypeptide(L)'
_entity_poly.pdbx_seq_one_letter_code
;GSGFFVSDDFESSSVSQQPAGWDNFVGWQSNNPNNNSGQAVYAVVDNSRAYSGSQSVHFKGGAAPAQIVKALPQGLDRVY
LKAMVYMSKKLGNEANDNHEHIMGVRANASGADNEIRFGQIKGHIGTNEVPSDDIAPPQSQWYSGPEITANDWHCVVVEM
LAGDLAYHQLNAYVDGELLHSIDAANDWNNGGVNGNAHWLDGKFNYAFFGWHSFSNNDADVWMDDIEMSDAPLTCDGLEH
HHHHH
;
_entity_poly.pdbx_strand_id   A,B,C
#
loop_
_chem_comp.id
_chem_comp.type
_chem_comp.name
_chem_comp.formula
CA non-polymer 'CALCIUM ION' 'Ca 2'
#
# COMPACT_ATOMS: atom_id res chain seq x y z
N SER A 2 8.90 -24.40 -3.85
CA SER A 2 9.06 -22.92 -3.92
C SER A 2 9.55 -22.55 -5.31
N GLY A 3 9.22 -21.31 -5.66
CA GLY A 3 9.31 -20.78 -6.99
C GLY A 3 8.01 -20.96 -7.74
N PHE A 4 6.98 -21.53 -7.09
CA PHE A 4 5.75 -21.89 -7.78
C PHE A 4 5.08 -20.62 -8.28
N PHE A 5 4.84 -20.56 -9.60
CA PHE A 5 4.07 -19.50 -10.22
C PHE A 5 3.44 -20.01 -11.51
N VAL A 6 2.16 -19.69 -11.72
CA VAL A 6 1.39 -20.05 -12.91
C VAL A 6 0.41 -18.93 -13.22
N SER A 7 0.20 -18.74 -14.49
CA SER A 7 -0.47 -17.61 -15.05
C SER A 7 -1.40 -18.16 -16.10
N ASP A 8 -2.54 -17.53 -16.36
CA ASP A 8 -3.38 -17.88 -17.50
C ASP A 8 -4.14 -16.62 -17.88
N ASP A 9 -3.92 -16.18 -19.12
CA ASP A 9 -4.61 -15.06 -19.70
C ASP A 9 -5.79 -15.51 -20.53
N PHE A 10 -5.98 -16.84 -20.67
CA PHE A 10 -7.12 -17.45 -21.40
C PHE A 10 -7.11 -17.18 -22.91
N GLU A 11 -5.99 -16.69 -23.46
CA GLU A 11 -5.84 -16.30 -24.86
C GLU A 11 -5.68 -17.51 -25.79
N SER A 12 -5.12 -18.61 -25.28
CA SER A 12 -4.81 -19.81 -26.04
C SER A 12 -6.07 -20.71 -26.16
N SER A 13 -7.04 -20.54 -25.26
CA SER A 13 -8.13 -21.47 -25.13
C SER A 13 -9.19 -21.23 -26.21
N SER A 14 -9.93 -22.30 -26.56
CA SER A 14 -11.00 -22.25 -27.53
C SER A 14 -12.28 -21.79 -26.82
N VAL A 15 -12.93 -20.83 -27.45
CA VAL A 15 -14.11 -20.18 -26.94
C VAL A 15 -15.19 -21.21 -26.66
N SER A 16 -16.04 -20.93 -25.66
CA SER A 16 -17.21 -21.70 -25.31
C SER A 16 -16.88 -23.06 -24.71
N GLN A 17 -15.62 -23.32 -24.43
CA GLN A 17 -15.17 -24.56 -23.78
C GLN A 17 -14.59 -24.17 -22.43
N GLN A 18 -14.61 -25.14 -21.52
CA GLN A 18 -13.86 -25.10 -20.31
C GLN A 18 -12.41 -24.74 -20.58
N PRO A 19 -11.82 -23.73 -19.94
CA PRO A 19 -10.44 -23.38 -20.20
C PRO A 19 -9.51 -24.59 -20.14
N ALA A 20 -8.62 -24.59 -21.12
CA ALA A 20 -7.66 -25.65 -21.26
C ALA A 20 -6.77 -25.67 -20.03
N GLY A 21 -6.59 -26.84 -19.43
CA GLY A 21 -5.57 -26.92 -18.43
C GLY A 21 -6.10 -26.92 -17.01
N TRP A 22 -7.37 -26.54 -16.88
CA TRP A 22 -8.03 -26.46 -15.60
C TRP A 22 -8.99 -27.63 -15.48
N ASP A 23 -9.25 -28.07 -14.22
CA ASP A 23 -10.32 -28.97 -13.89
C ASP A 23 -11.53 -28.09 -13.55
N ASN A 24 -12.72 -28.68 -13.29
CA ASN A 24 -13.83 -27.88 -12.83
C ASN A 24 -14.43 -28.36 -11.51
N PHE A 25 -15.20 -27.47 -10.87
CA PHE A 25 -16.17 -27.87 -9.86
C PHE A 25 -17.45 -27.11 -10.18
N VAL A 26 -18.35 -27.82 -10.85
CA VAL A 26 -19.49 -27.19 -11.53
C VAL A 26 -20.72 -28.03 -11.21
N GLY A 27 -21.78 -27.42 -10.68
CA GLY A 27 -22.95 -28.20 -10.33
C GLY A 27 -22.61 -29.29 -9.32
N TRP A 28 -21.74 -28.96 -8.35
CA TRP A 28 -21.42 -29.81 -7.22
C TRP A 28 -20.61 -31.02 -7.60
N GLN A 29 -20.16 -31.09 -8.85
CA GLN A 29 -19.37 -32.24 -9.27
C GLN A 29 -17.97 -31.80 -9.67
N SER A 30 -16.96 -32.51 -9.16
CA SER A 30 -15.59 -32.38 -9.62
C SER A 30 -15.50 -32.87 -11.06
N ASN A 31 -15.01 -32.06 -11.99
CA ASN A 31 -14.88 -32.48 -13.37
C ASN A 31 -16.21 -33.04 -13.85
N ASN A 32 -17.22 -32.19 -13.65
CA ASN A 32 -18.48 -32.29 -14.35
C ASN A 32 -18.25 -32.41 -15.85
N PRO A 33 -18.77 -33.48 -16.50
CA PRO A 33 -18.57 -33.71 -17.93
C PRO A 33 -19.48 -32.83 -18.79
N ASN A 34 -20.46 -32.15 -18.17
CA ASN A 34 -21.38 -31.33 -18.97
C ASN A 34 -21.22 -29.88 -18.54
N ASN A 35 -20.03 -29.32 -18.84
CA ASN A 35 -19.74 -27.94 -18.50
C ASN A 35 -19.78 -27.14 -19.78
N ASN A 36 -20.99 -26.70 -20.19
CA ASN A 36 -21.06 -25.73 -21.28
C ASN A 36 -22.24 -24.80 -21.10
N SER A 37 -22.34 -23.84 -22.02
CA SER A 37 -23.28 -22.71 -21.96
C SER A 37 -24.72 -23.16 -22.13
N GLY A 38 -24.92 -24.41 -22.54
CA GLY A 38 -26.28 -24.92 -22.59
C GLY A 38 -26.80 -25.40 -21.22
N GLN A 39 -25.95 -25.41 -20.19
CA GLN A 39 -26.42 -25.72 -18.85
C GLN A 39 -26.78 -24.41 -18.14
N ALA A 40 -27.18 -24.62 -16.89
CA ALA A 40 -27.66 -23.61 -16.00
C ALA A 40 -26.49 -23.07 -15.18
N VAL A 41 -25.50 -23.93 -14.82
CA VAL A 41 -24.28 -23.42 -14.25
C VAL A 41 -23.13 -23.95 -15.10
N TYR A 42 -22.10 -23.11 -15.33
CA TYR A 42 -20.97 -23.48 -16.17
C TYR A 42 -19.85 -22.46 -16.00
N ALA A 43 -18.68 -22.90 -16.55
CA ALA A 43 -17.43 -22.18 -16.50
C ALA A 43 -16.70 -22.36 -17.83
N VAL A 44 -16.74 -21.35 -18.69
CA VAL A 44 -16.27 -21.52 -20.05
C VAL A 44 -15.49 -20.29 -20.49
N VAL A 45 -14.59 -20.47 -21.44
CA VAL A 45 -13.96 -19.36 -22.11
C VAL A 45 -15.01 -18.53 -22.88
N ASP A 46 -14.83 -17.22 -22.83
CA ASP A 46 -15.73 -16.29 -23.45
C ASP A 46 -14.89 -15.23 -24.14
N ASN A 47 -15.36 -14.75 -25.32
CA ASN A 47 -14.73 -13.61 -25.99
C ASN A 47 -15.57 -12.33 -25.95
N SER A 48 -16.66 -12.35 -25.18
CA SER A 48 -17.59 -11.22 -25.17
C SER A 48 -17.06 -10.14 -24.23
N ARG A 49 -16.25 -10.55 -23.24
CA ARG A 49 -15.65 -9.64 -22.30
C ARG A 49 -14.23 -10.14 -21.99
N ALA A 50 -13.28 -9.20 -21.84
CA ALA A 50 -11.95 -9.57 -21.39
C ALA A 50 -11.21 -8.38 -20.82
N TYR A 51 -10.22 -8.69 -19.97
CA TYR A 51 -9.33 -7.68 -19.49
C TYR A 51 -8.07 -7.68 -20.35
N SER A 52 -7.50 -8.85 -20.57
CA SER A 52 -6.32 -8.99 -21.41
C SER A 52 -6.77 -9.64 -22.71
N GLY A 53 -6.36 -9.10 -23.85
CA GLY A 53 -6.56 -9.81 -25.11
C GLY A 53 -8.03 -9.83 -25.46
N SER A 54 -8.52 -10.99 -25.97
CA SER A 54 -9.91 -11.15 -26.37
C SER A 54 -10.66 -12.14 -25.49
N GLN A 55 -10.00 -12.90 -24.63
CA GLN A 55 -10.69 -13.97 -23.90
C GLN A 55 -10.52 -13.90 -22.39
N SER A 56 -11.60 -14.30 -21.73
CA SER A 56 -11.67 -14.41 -20.30
C SER A 56 -12.35 -15.74 -20.02
N VAL A 57 -12.50 -16.10 -18.73
CA VAL A 57 -13.40 -17.18 -18.39
C VAL A 57 -14.67 -16.58 -17.80
N HIS A 58 -15.79 -17.10 -18.26
CA HIS A 58 -17.12 -16.73 -17.78
C HIS A 58 -17.68 -17.86 -16.92
N PHE A 59 -18.09 -17.51 -15.72
CA PHE A 59 -18.79 -18.38 -14.80
C PHE A 59 -20.23 -17.93 -14.64
N LYS A 60 -21.18 -18.83 -14.81
CA LYS A 60 -22.58 -18.58 -14.49
C LYS A 60 -22.88 -19.57 -13.38
N GLY A 61 -23.14 -19.09 -12.19
CA GLY A 61 -23.65 -19.99 -11.20
C GLY A 61 -24.41 -19.27 -10.12
N GLY A 62 -24.51 -19.89 -8.95
CA GLY A 62 -25.42 -19.44 -7.93
C GLY A 62 -25.28 -20.32 -6.71
N ALA A 63 -26.41 -20.83 -6.26
CA ALA A 63 -26.46 -21.84 -5.23
C ALA A 63 -25.60 -23.03 -5.64
N ALA A 64 -25.63 -23.30 -6.96
CA ALA A 64 -24.74 -24.30 -7.53
C ALA A 64 -23.42 -23.64 -7.89
N PRO A 65 -22.28 -24.27 -7.56
CA PRO A 65 -21.00 -23.67 -7.86
C PRO A 65 -20.58 -23.79 -9.30
N ALA A 66 -19.96 -22.74 -9.78
CA ALA A 66 -19.27 -22.71 -11.06
C ALA A 66 -17.83 -22.24 -10.86
N GLN A 67 -16.90 -23.14 -11.06
CA GLN A 67 -15.51 -22.93 -10.65
C GLN A 67 -14.55 -23.66 -11.55
N ILE A 68 -13.40 -23.01 -11.84
CA ILE A 68 -12.28 -23.74 -12.37
C ILE A 68 -11.33 -24.05 -11.23
N VAL A 69 -10.62 -25.16 -11.34
CA VAL A 69 -9.84 -25.73 -10.24
C VAL A 69 -8.49 -26.16 -10.79
N LYS A 70 -7.41 -25.89 -10.05
CA LYS A 70 -6.08 -26.44 -10.33
C LYS A 70 -5.48 -26.99 -9.03
N ALA A 71 -4.89 -28.16 -9.16
CA ALA A 71 -4.07 -28.73 -8.10
C ALA A 71 -2.84 -27.85 -7.83
N LEU A 72 -2.31 -27.91 -6.60
CA LEU A 72 -1.16 -27.14 -6.22
C LEU A 72 0.00 -28.09 -6.04
N PRO A 73 1.25 -27.61 -6.04
CA PRO A 73 2.36 -28.44 -5.62
C PRO A 73 2.21 -28.79 -4.15
N GLN A 74 2.86 -29.87 -3.74
CA GLN A 74 2.87 -30.31 -2.35
C GLN A 74 3.81 -29.37 -1.61
N GLY A 75 3.55 -29.08 -0.32
CA GLY A 75 4.61 -28.56 0.57
C GLY A 75 4.71 -27.02 0.59
N LEU A 76 3.68 -26.35 0.03
CA LEU A 76 3.62 -24.88 0.01
C LEU A 76 3.42 -24.38 1.44
N ASP A 77 4.17 -23.34 1.78
CA ASP A 77 4.01 -22.63 3.03
C ASP A 77 3.10 -21.41 2.84
N ARG A 78 2.88 -21.00 1.57
CA ARG A 78 1.97 -19.89 1.36
C ARG A 78 1.32 -19.99 0.00
N VAL A 79 0.15 -19.38 -0.15
CA VAL A 79 -0.50 -19.31 -1.44
C VAL A 79 -0.96 -17.89 -1.68
N TYR A 80 -0.70 -17.42 -2.87
CA TYR A 80 -1.24 -16.17 -3.36
C TYR A 80 -2.09 -16.51 -4.56
N LEU A 81 -3.25 -15.90 -4.64
CA LEU A 81 -4.18 -16.06 -5.74
C LEU A 81 -4.49 -14.69 -6.23
N LYS A 82 -4.58 -14.51 -7.54
CA LYS A 82 -4.77 -13.22 -8.11
C LYS A 82 -5.71 -13.40 -9.26
N ALA A 83 -6.61 -12.44 -9.49
CA ALA A 83 -7.43 -12.51 -10.68
C ALA A 83 -7.94 -11.14 -11.01
N MET A 84 -8.10 -10.85 -12.30
CA MET A 84 -8.92 -9.73 -12.68
C MET A 84 -10.35 -10.26 -12.68
N VAL A 85 -11.27 -9.54 -12.07
CA VAL A 85 -12.60 -10.02 -11.75
C VAL A 85 -13.64 -8.96 -12.16
N TYR A 86 -14.66 -9.42 -12.87
CA TYR A 86 -15.76 -8.57 -13.32
C TYR A 86 -17.04 -9.31 -12.93
N MET A 87 -17.84 -8.69 -12.04
CA MET A 87 -18.96 -9.37 -11.39
C MET A 87 -20.28 -8.70 -11.72
N SER A 88 -21.29 -9.51 -11.89
CA SER A 88 -22.64 -8.97 -12.13
C SER A 88 -23.27 -8.46 -10.82
N LYS A 89 -22.75 -8.86 -9.65
CA LYS A 89 -23.30 -8.29 -8.43
C LYS A 89 -22.13 -7.88 -7.55
N LYS A 90 -22.34 -6.94 -6.65
CA LYS A 90 -21.26 -6.54 -5.76
C LYS A 90 -21.01 -7.59 -4.69
N LEU A 91 -19.80 -7.50 -4.12
CA LEU A 91 -19.54 -8.17 -2.88
C LEU A 91 -19.31 -7.10 -1.83
N GLY A 92 -19.93 -7.27 -0.67
CA GLY A 92 -19.63 -6.39 0.47
C GLY A 92 -20.64 -5.27 0.63
N ASN A 93 -20.88 -4.91 1.89
CA ASN A 93 -21.81 -3.86 2.22
C ASN A 93 -23.18 -4.17 1.64
N GLU A 94 -23.74 -5.31 2.01
CA GLU A 94 -24.97 -5.82 1.41
C GLU A 94 -25.87 -6.35 2.52
N ALA A 95 -27.13 -5.92 2.56
CA ALA A 95 -28.11 -6.48 3.49
C ALA A 95 -28.41 -7.97 3.22
N ASN A 96 -28.41 -8.75 4.30
CA ASN A 96 -29.06 -10.04 4.42
C ASN A 96 -28.35 -11.16 3.66
N ASP A 97 -27.06 -10.92 3.36
CA ASP A 97 -26.19 -11.93 2.78
C ASP A 97 -25.87 -12.98 3.84
N ASN A 98 -25.75 -14.22 3.39
CA ASN A 98 -25.23 -15.29 4.19
C ASN A 98 -23.71 -15.40 3.96
N HIS A 99 -23.29 -15.86 2.80
CA HIS A 99 -21.90 -15.80 2.39
C HIS A 99 -21.83 -16.22 0.96
N GLU A 100 -20.83 -15.68 0.27
CA GLU A 100 -20.59 -15.97 -1.14
C GLU A 100 -19.08 -15.83 -1.39
N HIS A 101 -18.53 -16.67 -2.30
CA HIS A 101 -17.11 -16.62 -2.56
C HIS A 101 -16.80 -16.73 -4.03
N ILE A 102 -15.64 -16.10 -4.40
CA ILE A 102 -15.15 -16.09 -5.77
C ILE A 102 -13.89 -16.91 -5.94
N MET A 103 -13.27 -17.35 -4.85
CA MET A 103 -11.88 -17.72 -4.90
C MET A 103 -11.57 -18.43 -3.62
N GLY A 104 -10.67 -19.40 -3.64
CA GLY A 104 -10.22 -20.03 -2.42
C GLY A 104 -9.32 -21.24 -2.69
N VAL A 105 -9.04 -21.97 -1.61
CA VAL A 105 -8.28 -23.21 -1.66
C VAL A 105 -9.07 -24.31 -0.94
N ARG A 106 -9.00 -25.54 -1.44
CA ARG A 106 -9.62 -26.69 -0.81
C ARG A 106 -8.66 -27.89 -0.65
N ALA A 107 -8.90 -28.70 0.37
CA ALA A 107 -8.10 -29.87 0.66
C ALA A 107 -8.38 -31.00 -0.35
N ASN A 108 -9.63 -31.18 -0.75
CA ASN A 108 -10.07 -32.35 -1.49
C ASN A 108 -10.94 -31.87 -2.69
N ALA A 109 -10.59 -32.23 -3.93
CA ALA A 109 -11.28 -31.69 -5.08
C ALA A 109 -12.74 -32.14 -5.08
N SER A 110 -13.02 -33.21 -4.30
CA SER A 110 -14.24 -34.00 -4.49
C SER A 110 -15.47 -33.19 -4.06
N GLY A 111 -15.29 -32.35 -3.04
CA GLY A 111 -16.40 -31.62 -2.48
C GLY A 111 -15.98 -30.21 -2.09
N ALA A 112 -16.97 -29.44 -1.62
CA ALA A 112 -16.77 -28.07 -1.19
C ALA A 112 -16.77 -27.95 0.34
N ASP A 113 -16.49 -29.04 1.07
CA ASP A 113 -16.72 -29.11 2.51
C ASP A 113 -15.44 -28.96 3.34
N ASN A 114 -14.30 -28.73 2.68
CA ASN A 114 -13.06 -28.55 3.42
C ASN A 114 -12.19 -27.51 2.72
N GLU A 115 -12.39 -26.24 3.06
CA GLU A 115 -11.87 -25.17 2.22
C GLU A 115 -11.87 -23.85 2.97
N ILE A 116 -11.12 -22.93 2.36
CA ILE A 116 -11.11 -21.52 2.73
C ILE A 116 -11.77 -20.81 1.56
N ARG A 117 -12.83 -20.04 1.82
CA ARG A 117 -13.63 -19.36 0.82
C ARG A 117 -13.51 -17.85 1.01
N PHE A 118 -12.99 -17.13 0.02
CA PHE A 118 -12.88 -15.68 0.10
C PHE A 118 -14.00 -15.04 -0.70
N GLY A 119 -14.75 -14.15 -0.08
CA GLY A 119 -15.65 -13.33 -0.85
C GLY A 119 -16.34 -12.34 0.07
N GLN A 120 -17.58 -12.62 0.45
CA GLN A 120 -18.20 -11.93 1.55
C GLN A 120 -18.85 -12.94 2.48
N ILE A 121 -18.97 -12.53 3.75
CA ILE A 121 -19.73 -13.24 4.75
C ILE A 121 -20.63 -12.20 5.39
N LYS A 122 -21.92 -12.52 5.54
CA LYS A 122 -22.81 -11.62 6.23
C LYS A 122 -22.69 -10.19 5.68
N GLY A 123 -22.51 -10.01 4.38
CA GLY A 123 -22.52 -8.72 3.77
C GLY A 123 -21.27 -7.88 4.11
N HIS A 124 -20.17 -8.50 4.58
CA HIS A 124 -18.92 -7.79 4.67
C HIS A 124 -17.92 -8.60 3.86
N ILE A 125 -17.00 -7.97 3.13
CA ILE A 125 -15.90 -8.71 2.49
C ILE A 125 -15.19 -9.54 3.52
N GLY A 126 -14.94 -10.81 3.23
CA GLY A 126 -14.46 -11.67 4.25
C GLY A 126 -14.38 -13.12 3.83
N THR A 127 -14.16 -13.97 4.85
CA THR A 127 -13.65 -15.33 4.70
C THR A 127 -14.46 -16.30 5.56
N ASN A 128 -14.80 -17.45 4.95
CA ASN A 128 -15.51 -18.57 5.53
C ASN A 128 -14.58 -19.78 5.49
N GLU A 129 -14.31 -20.43 6.64
CA GLU A 129 -13.62 -21.72 6.68
C GLU A 129 -14.64 -22.84 6.91
N VAL A 130 -14.56 -23.91 6.12
CA VAL A 130 -15.30 -25.12 6.40
C VAL A 130 -14.29 -26.25 6.61
N PRO A 131 -14.57 -27.26 7.47
CA PRO A 131 -15.92 -27.51 8.03
C PRO A 131 -16.31 -26.81 9.35
N SER A 132 -15.41 -25.96 9.94
CA SER A 132 -15.75 -25.27 11.20
C SER A 132 -16.91 -24.29 11.05
N ASP A 133 -17.13 -23.79 9.82
CA ASP A 133 -18.12 -22.79 9.43
C ASP A 133 -17.85 -21.42 10.10
N ASP A 134 -16.61 -21.20 10.56
CA ASP A 134 -16.24 -19.89 11.05
C ASP A 134 -16.16 -18.87 9.90
N ILE A 135 -16.31 -17.60 10.26
CA ILE A 135 -16.37 -16.49 9.34
C ILE A 135 -15.67 -15.29 9.96
N ALA A 136 -15.13 -14.45 9.12
CA ALA A 136 -14.44 -13.27 9.60
C ALA A 136 -14.67 -12.18 8.56
N PRO A 137 -14.91 -10.91 8.92
CA PRO A 137 -14.73 -10.43 10.32
C PRO A 137 -15.87 -10.72 11.26
N PRO A 138 -15.79 -10.27 12.54
CA PRO A 138 -16.83 -10.49 13.56
C PRO A 138 -18.10 -9.70 13.29
N GLN A 139 -19.17 -10.08 14.01
CA GLN A 139 -20.52 -9.59 13.74
C GLN A 139 -20.66 -8.07 13.83
N SER A 140 -19.84 -7.40 14.65
CA SER A 140 -19.98 -5.97 14.78
C SER A 140 -19.75 -5.30 13.41
N GLN A 141 -19.13 -6.00 12.44
CA GLN A 141 -18.90 -5.38 11.13
C GLN A 141 -19.85 -5.85 10.02
N TRP A 142 -20.86 -6.69 10.31
CA TRP A 142 -21.60 -7.27 9.22
C TRP A 142 -22.43 -6.23 8.51
N TYR A 143 -22.77 -6.56 7.27
CA TYR A 143 -23.70 -5.79 6.45
C TYR A 143 -23.15 -4.39 6.30
N SER A 144 -21.88 -4.24 5.98
CA SER A 144 -21.27 -2.92 5.90
C SER A 144 -19.86 -3.06 5.34
N GLY A 145 -19.11 -1.96 5.42
CA GLY A 145 -17.71 -1.96 5.03
C GLY A 145 -17.52 -1.73 3.54
N PRO A 146 -16.30 -1.98 3.05
CA PRO A 146 -15.99 -1.74 1.64
C PRO A 146 -16.67 -2.75 0.71
N GLU A 147 -16.86 -2.29 -0.55
CA GLU A 147 -17.41 -3.08 -1.63
C GLU A 147 -16.34 -3.39 -2.68
N ILE A 148 -16.42 -4.58 -3.25
CA ILE A 148 -15.97 -4.86 -4.61
C ILE A 148 -17.18 -4.59 -5.52
N THR A 149 -17.20 -3.47 -6.22
CA THR A 149 -18.38 -3.08 -7.00
C THR A 149 -18.62 -4.07 -8.15
N ALA A 150 -19.90 -4.18 -8.51
CA ALA A 150 -20.37 -4.85 -9.69
C ALA A 150 -19.97 -4.06 -10.96
N ASN A 151 -19.87 -4.79 -12.06
CA ASN A 151 -19.84 -4.17 -13.39
C ASN A 151 -18.60 -3.29 -13.58
N ASP A 152 -17.47 -3.71 -13.02
CA ASP A 152 -16.18 -3.07 -13.24
C ASP A 152 -15.06 -4.10 -13.04
N TRP A 153 -13.92 -3.94 -13.72
CA TRP A 153 -12.80 -4.85 -13.55
C TRP A 153 -12.04 -4.46 -12.29
N HIS A 154 -11.78 -5.46 -11.44
CA HIS A 154 -11.06 -5.31 -10.20
C HIS A 154 -9.94 -6.34 -10.19
N CYS A 155 -8.81 -5.90 -9.68
CA CYS A 155 -7.72 -6.81 -9.42
C CYS A 155 -7.83 -7.29 -7.97
N VAL A 156 -7.93 -8.60 -7.78
CA VAL A 156 -8.12 -9.18 -6.47
C VAL A 156 -6.93 -10.04 -6.16
N VAL A 157 -6.39 -9.89 -4.95
CA VAL A 157 -5.24 -10.66 -4.54
C VAL A 157 -5.56 -11.19 -3.19
N VAL A 158 -5.46 -12.47 -3.02
CA VAL A 158 -5.61 -13.08 -1.71
C VAL A 158 -4.28 -13.74 -1.34
N GLU A 159 -3.81 -13.45 -0.13
CA GLU A 159 -2.53 -13.88 0.38
C GLU A 159 -2.84 -14.79 1.55
N MET A 160 -2.37 -16.04 1.53
CA MET A 160 -2.63 -16.98 2.64
C MET A 160 -1.31 -17.50 3.17
N LEU A 161 -0.96 -17.17 4.40
CA LEU A 161 0.39 -17.48 4.88
C LEU A 161 0.35 -18.47 6.00
N ALA A 162 1.00 -19.62 5.82
CA ALA A 162 1.10 -20.63 6.86
C ALA A 162 2.52 -20.60 7.38
N GLY A 163 3.37 -21.49 6.91
CA GLY A 163 4.77 -21.42 7.24
C GLY A 163 5.02 -21.68 8.71
N ASP A 164 5.81 -20.79 9.31
CA ASP A 164 6.24 -20.84 10.72
C ASP A 164 5.48 -19.79 11.55
N LEU A 165 4.52 -19.06 10.96
CA LEU A 165 3.69 -18.17 11.74
C LEU A 165 3.05 -18.96 12.87
N ALA A 166 3.00 -18.31 14.06
CA ALA A 166 2.26 -18.81 15.21
C ALA A 166 0.76 -18.82 14.93
N TYR A 167 0.33 -17.81 14.15
CA TYR A 167 -1.04 -17.68 13.74
C TYR A 167 -1.07 -17.46 12.23
N HIS A 168 -1.72 -18.35 11.51
CA HIS A 168 -1.84 -18.20 10.07
C HIS A 168 -2.62 -16.97 9.63
N GLN A 169 -2.27 -16.42 8.47
CA GLN A 169 -2.79 -15.13 8.07
C GLN A 169 -3.45 -15.21 6.70
N LEU A 170 -4.45 -14.36 6.52
CA LEU A 170 -5.05 -14.12 5.22
C LEU A 170 -5.18 -12.60 5.01
N ASN A 171 -4.83 -12.11 3.81
CA ASN A 171 -4.98 -10.72 3.52
C ASN A 171 -5.57 -10.69 2.12
N ALA A 172 -6.61 -9.87 1.94
CA ALA A 172 -7.24 -9.70 0.64
C ALA A 172 -7.16 -8.24 0.20
N TYR A 173 -6.46 -8.04 -0.90
CA TYR A 173 -6.33 -6.75 -1.55
C TYR A 173 -7.24 -6.66 -2.77
N VAL A 174 -7.87 -5.50 -2.90
CA VAL A 174 -8.67 -5.21 -4.07
C VAL A 174 -8.20 -3.89 -4.62
N ASP A 175 -7.71 -3.88 -5.87
CA ASP A 175 -7.31 -2.65 -6.55
C ASP A 175 -6.25 -1.95 -5.70
N GLY A 176 -5.38 -2.75 -5.09
CA GLY A 176 -4.29 -2.24 -4.27
C GLY A 176 -4.63 -2.11 -2.79
N GLU A 177 -5.91 -1.94 -2.42
CA GLU A 177 -6.31 -1.58 -1.07
C GLU A 177 -6.60 -2.86 -0.29
N LEU A 178 -6.02 -2.95 0.93
CA LEU A 178 -6.27 -4.03 1.87
C LEU A 178 -7.71 -3.92 2.41
N LEU A 179 -8.54 -4.90 2.09
CA LEU A 179 -9.94 -4.80 2.45
C LEU A 179 -10.30 -5.78 3.55
N HIS A 180 -9.41 -6.67 3.95
CA HIS A 180 -9.78 -7.78 4.81
C HIS A 180 -8.51 -8.50 5.22
N SER A 181 -8.40 -8.81 6.52
CA SER A 181 -7.20 -9.42 7.06
C SER A 181 -7.60 -10.38 8.14
N ILE A 182 -6.80 -11.43 8.29
CA ILE A 182 -6.91 -12.28 9.47
C ILE A 182 -5.52 -12.49 10.04
N ASP A 183 -5.34 -12.20 11.32
CA ASP A 183 -4.04 -12.36 11.95
C ASP A 183 -4.14 -12.80 13.39
N ALA A 184 -5.33 -13.03 13.93
CA ALA A 184 -5.53 -13.53 15.28
C ALA A 184 -6.90 -14.19 15.42
N ALA A 185 -7.03 -15.05 16.46
CA ALA A 185 -8.26 -15.76 16.78
C ALA A 185 -9.48 -14.82 16.84
N ASN A 186 -9.28 -13.59 17.27
CA ASN A 186 -10.38 -12.67 17.42
C ASN A 186 -10.77 -11.95 16.11
N ASP A 187 -10.15 -12.32 14.98
CA ASP A 187 -10.62 -11.90 13.67
C ASP A 187 -11.81 -12.76 13.25
N TRP A 188 -11.98 -13.93 13.89
CA TRP A 188 -13.12 -14.78 13.65
C TRP A 188 -14.33 -14.44 14.51
N ASN A 189 -15.52 -14.75 14.01
CA ASN A 189 -16.75 -14.41 14.74
C ASN A 189 -17.04 -15.43 15.85
N ASN A 190 -16.81 -16.70 15.60
CA ASN A 190 -17.34 -17.83 16.36
C ASN A 190 -16.19 -18.52 17.12
N GLY A 191 -15.20 -17.74 17.58
CA GLY A 191 -14.14 -18.35 18.36
C GLY A 191 -12.83 -18.33 17.59
N GLY A 192 -12.61 -19.33 16.71
CA GLY A 192 -11.41 -19.29 15.89
C GLY A 192 -11.09 -20.59 15.14
N VAL A 193 -11.95 -20.95 14.19
CA VAL A 193 -11.80 -22.21 13.49
C VAL A 193 -11.56 -23.31 14.53
N ASN A 194 -12.47 -23.33 15.51
CA ASN A 194 -12.46 -24.27 16.62
C ASN A 194 -11.09 -24.26 17.27
N GLY A 195 -10.50 -23.10 17.51
CA GLY A 195 -9.32 -23.05 18.39
C GLY A 195 -8.00 -23.38 17.67
N ASN A 196 -8.03 -23.48 16.33
CA ASN A 196 -6.85 -23.87 15.56
C ASN A 196 -6.12 -22.63 15.05
N ALA A 197 -4.97 -22.34 15.65
CA ALA A 197 -4.13 -21.24 15.21
C ALA A 197 -3.47 -21.51 13.84
N HIS A 198 -3.32 -22.78 13.46
CA HIS A 198 -2.73 -23.12 12.18
C HIS A 198 -3.84 -23.59 11.27
N TRP A 199 -4.81 -22.69 11.03
CA TRP A 199 -6.07 -23.00 10.34
C TRP A 199 -5.98 -23.21 8.83
N LEU A 200 -4.82 -22.91 8.23
CA LEU A 200 -4.67 -23.19 6.80
C LEU A 200 -4.09 -24.61 6.54
N ASP A 201 -3.71 -25.33 7.61
CA ASP A 201 -3.08 -26.64 7.48
C ASP A 201 -3.95 -27.57 6.65
N GLY A 202 -3.41 -28.19 5.60
CA GLY A 202 -4.11 -29.25 4.89
C GLY A 202 -4.95 -28.69 3.73
N LYS A 203 -4.91 -27.35 3.59
CA LYS A 203 -5.88 -26.70 2.71
C LYS A 203 -5.34 -26.48 1.31
N PHE A 204 -4.01 -26.52 1.18
CA PHE A 204 -3.36 -26.08 -0.03
C PHE A 204 -3.18 -27.22 -1.00
N ASN A 205 -4.30 -27.83 -1.41
CA ASN A 205 -4.22 -28.93 -2.36
C ASN A 205 -4.79 -28.50 -3.70
N TYR A 206 -5.84 -27.70 -3.66
CA TYR A 206 -6.41 -27.15 -4.86
C TYR A 206 -6.67 -25.67 -4.63
N ALA A 207 -6.67 -24.89 -5.70
CA ALA A 207 -7.03 -23.50 -5.72
C ALA A 207 -8.21 -23.44 -6.68
N PHE A 208 -9.20 -22.63 -6.38
CA PHE A 208 -10.34 -22.59 -7.29
C PHE A 208 -10.78 -21.15 -7.43
N PHE A 209 -11.49 -20.89 -8.52
CA PHE A 209 -11.97 -19.59 -8.87
C PHE A 209 -13.33 -19.77 -9.53
N GLY A 210 -14.24 -18.85 -9.28
CA GLY A 210 -15.46 -18.70 -10.05
C GLY A 210 -16.53 -18.06 -9.17
N TRP A 211 -17.66 -18.72 -8.99
CA TRP A 211 -18.71 -18.16 -8.20
C TRP A 211 -19.44 -19.28 -7.48
N HIS A 212 -19.78 -19.07 -6.23
CA HIS A 212 -20.61 -19.99 -5.47
C HIS A 212 -21.26 -19.15 -4.35
N SER A 213 -22.60 -19.12 -4.32
CA SER A 213 -23.36 -18.34 -3.37
C SER A 213 -24.07 -19.30 -2.43
N PHE A 214 -24.05 -18.98 -1.12
CA PHE A 214 -24.87 -19.58 -0.09
C PHE A 214 -25.94 -18.60 0.35
N SER A 215 -26.21 -17.62 -0.48
CA SER A 215 -27.28 -16.64 -0.29
C SER A 215 -28.27 -16.71 -1.45
N ASN A 216 -28.22 -17.84 -2.17
CA ASN A 216 -28.98 -18.13 -3.36
C ASN A 216 -28.99 -16.99 -4.38
N ASN A 217 -27.83 -16.37 -4.62
CA ASN A 217 -27.71 -15.33 -5.62
C ASN A 217 -26.98 -15.82 -6.85
N ASP A 218 -27.70 -15.80 -7.97
CA ASP A 218 -27.17 -16.09 -9.27
C ASP A 218 -26.26 -14.95 -9.68
N ALA A 219 -25.18 -15.33 -10.41
CA ALA A 219 -24.24 -14.34 -10.82
C ALA A 219 -23.50 -14.83 -12.03
N ASP A 220 -23.08 -13.82 -12.78
CA ASP A 220 -22.13 -13.92 -13.85
C ASP A 220 -20.86 -13.28 -13.35
N VAL A 221 -19.78 -14.04 -13.40
CA VAL A 221 -18.47 -13.49 -13.14
C VAL A 221 -17.59 -13.80 -14.34
N TRP A 222 -16.82 -12.80 -14.71
CA TRP A 222 -15.72 -13.04 -15.63
C TRP A 222 -14.42 -12.83 -14.90
N MET A 223 -13.48 -13.67 -15.24
CA MET A 223 -12.16 -13.53 -14.65
C MET A 223 -11.13 -13.61 -15.76
N ASP A 224 -9.99 -12.97 -15.54
CA ASP A 224 -8.93 -13.01 -16.51
C ASP A 224 -7.65 -12.80 -15.77
N ASP A 225 -6.52 -13.11 -16.43
CA ASP A 225 -5.18 -12.90 -15.92
C ASP A 225 -5.06 -13.50 -14.52
N ILE A 226 -5.43 -14.76 -14.44
CA ILE A 226 -5.45 -15.40 -13.16
C ILE A 226 -4.05 -15.83 -12.87
N GLU A 227 -3.61 -15.75 -11.61
CA GLU A 227 -2.26 -16.10 -11.22
C GLU A 227 -2.33 -16.79 -9.86
N MET A 228 -1.39 -17.69 -9.68
CA MET A 228 -1.23 -18.41 -8.43
C MET A 228 0.26 -18.67 -8.21
N SER A 229 0.63 -18.69 -6.94
CA SER A 229 2.00 -18.47 -6.60
C SER A 229 2.25 -18.82 -5.14
N ASP A 230 3.52 -19.11 -4.76
CA ASP A 230 3.90 -19.15 -3.36
C ASP A 230 4.84 -18.01 -3.04
N ALA A 231 4.86 -16.99 -3.92
CA ALA A 231 5.49 -15.75 -3.53
C ALA A 231 4.58 -14.59 -3.90
N PRO A 232 4.75 -13.40 -3.28
CA PRO A 232 3.81 -12.31 -3.50
C PRO A 232 3.49 -11.97 -4.95
N LEU A 233 2.22 -11.68 -5.19
CA LEU A 233 1.70 -11.11 -6.42
C LEU A 233 1.13 -9.73 -6.10
N THR A 234 1.12 -8.80 -7.02
CA THR A 234 0.57 -7.47 -6.77
C THR A 234 -0.13 -6.96 -8.03
N CYS A 235 -0.99 -5.95 -7.87
CA CYS A 235 -1.38 -5.07 -8.98
C CYS A 235 -0.60 -3.75 -8.88
N SER B 2 41.79 14.45 -1.78
CA SER B 2 42.35 13.08 -2.09
C SER B 2 41.27 11.99 -2.26
N GLY B 3 40.22 12.12 -1.42
CA GLY B 3 38.97 11.40 -1.59
C GLY B 3 38.03 12.06 -2.60
N PHE B 4 36.81 11.53 -2.63
CA PHE B 4 35.78 11.89 -3.59
C PHE B 4 34.46 11.84 -2.82
N PHE B 5 33.68 12.92 -2.88
CA PHE B 5 32.33 13.00 -2.37
C PHE B 5 31.52 13.99 -3.19
N VAL B 6 30.40 13.52 -3.73
CA VAL B 6 29.42 14.42 -4.36
C VAL B 6 28.04 14.07 -3.85
N SER B 7 27.23 15.09 -3.62
CA SER B 7 25.86 14.88 -3.26
C SER B 7 25.04 15.84 -4.09
N ASP B 8 23.76 15.48 -4.27
CA ASP B 8 22.80 16.30 -4.98
C ASP B 8 21.47 16.11 -4.29
N ASP B 9 20.94 17.22 -3.77
CA ASP B 9 19.62 17.28 -3.18
C ASP B 9 18.59 17.75 -4.19
N PHE B 10 19.01 18.05 -5.43
CA PHE B 10 18.13 18.51 -6.53
C PHE B 10 17.40 19.85 -6.26
N GLU B 11 17.84 20.61 -5.26
CA GLU B 11 17.19 21.88 -4.88
C GLU B 11 17.53 23.03 -5.84
N SER B 12 18.70 22.97 -6.51
CA SER B 12 19.20 24.03 -7.40
C SER B 12 18.56 23.92 -8.79
N SER B 13 18.06 22.75 -9.13
CA SER B 13 17.71 22.43 -10.51
C SER B 13 16.29 22.92 -10.84
N SER B 14 16.02 23.07 -12.13
CA SER B 14 14.74 23.61 -12.58
C SER B 14 13.78 22.43 -12.78
N VAL B 15 12.57 22.55 -12.24
CA VAL B 15 11.52 21.54 -12.37
C VAL B 15 11.22 21.27 -13.84
N SER B 16 10.96 19.97 -14.16
CA SER B 16 10.70 19.47 -15.49
C SER B 16 11.97 19.44 -16.36
N GLN B 17 13.14 19.75 -15.82
CA GLN B 17 14.37 19.63 -16.60
C GLN B 17 15.18 18.44 -16.05
N GLN B 18 16.06 17.93 -16.91
CA GLN B 18 17.07 17.01 -16.51
C GLN B 18 17.93 17.70 -15.46
N PRO B 19 18.18 17.09 -14.30
CA PRO B 19 18.99 17.75 -13.29
C PRO B 19 20.34 18.27 -13.79
N ALA B 20 20.70 19.39 -13.24
CA ALA B 20 21.89 20.11 -13.65
C ALA B 20 23.13 19.28 -13.34
N GLY B 21 23.98 19.09 -14.36
CA GLY B 21 25.27 18.44 -14.11
C GLY B 21 25.27 16.92 -14.30
N TRP B 22 24.06 16.34 -14.47
CA TRP B 22 23.94 14.92 -14.80
C TRP B 22 23.80 14.69 -16.30
N ASP B 23 24.31 13.52 -16.73
CA ASP B 23 24.07 12.97 -18.05
C ASP B 23 22.84 12.07 -17.92
N ASN B 24 22.35 11.47 -19.00
CA ASN B 24 21.22 10.57 -18.92
C ASN B 24 21.52 9.26 -19.67
N PHE B 25 20.80 8.21 -19.32
CA PHE B 25 20.61 7.08 -20.19
C PHE B 25 19.10 6.77 -20.19
N VAL B 26 18.43 7.22 -21.28
CA VAL B 26 16.98 7.26 -21.35
C VAL B 26 16.60 6.64 -22.69
N GLY B 27 15.77 5.60 -22.65
CA GLY B 27 15.29 4.97 -23.87
C GLY B 27 16.46 4.41 -24.70
N TRP B 28 17.41 3.82 -23.95
CA TRP B 28 18.56 3.11 -24.49
C TRP B 28 19.54 4.00 -25.21
N GLN B 29 19.39 5.31 -25.05
CA GLN B 29 20.36 6.23 -25.60
C GLN B 29 21.05 7.02 -24.47
N SER B 30 22.38 7.07 -24.55
CA SER B 30 23.17 7.96 -23.70
C SER B 30 22.90 9.41 -24.10
N ASN B 31 22.54 10.27 -23.14
CA ASN B 31 22.31 11.66 -23.40
C ASN B 31 21.30 11.81 -24.53
N ASN B 32 20.20 11.10 -24.36
CA ASN B 32 19.01 11.25 -25.20
C ASN B 32 18.59 12.70 -25.17
N PRO B 33 18.51 13.41 -26.32
CA PRO B 33 18.13 14.82 -26.33
C PRO B 33 16.65 14.97 -25.98
N ASN B 34 15.89 13.87 -26.04
CA ASN B 34 14.45 13.93 -25.89
C ASN B 34 14.03 13.49 -24.48
N ASN B 35 14.57 14.12 -23.44
CA ASN B 35 14.35 13.67 -22.09
C ASN B 35 13.48 14.74 -21.44
N ASN B 36 12.16 14.61 -21.53
CA ASN B 36 11.23 15.42 -20.75
C ASN B 36 9.96 14.66 -20.51
N SER B 37 9.05 15.29 -19.77
CA SER B 37 7.85 14.65 -19.25
C SER B 37 6.81 14.46 -20.35
N GLY B 38 7.07 14.96 -21.54
CA GLY B 38 6.18 14.67 -22.65
C GLY B 38 6.49 13.33 -23.31
N GLN B 39 7.63 12.66 -22.94
CA GLN B 39 8.01 11.42 -23.61
C GLN B 39 7.48 10.31 -22.74
N ALA B 40 7.42 9.06 -23.22
CA ALA B 40 6.94 7.96 -22.42
C ALA B 40 7.93 7.52 -21.31
N VAL B 41 9.24 7.69 -21.59
CA VAL B 41 10.31 7.35 -20.70
C VAL B 41 11.12 8.63 -20.47
N TYR B 42 11.50 8.92 -19.21
CA TYR B 42 12.22 10.15 -18.89
C TYR B 42 12.75 10.14 -17.47
N ALA B 43 13.67 11.07 -17.23
CA ALA B 43 14.26 11.36 -15.94
C ALA B 43 14.38 12.88 -15.74
N VAL B 44 13.58 13.50 -14.86
CA VAL B 44 13.55 14.96 -14.75
C VAL B 44 13.38 15.34 -13.30
N VAL B 45 13.76 16.59 -12.97
CA VAL B 45 13.49 17.14 -11.66
C VAL B 45 11.99 17.40 -11.49
N ASP B 46 11.51 17.05 -10.31
CA ASP B 46 10.09 17.11 -10.03
C ASP B 46 9.87 17.74 -8.68
N ASN B 47 8.71 18.44 -8.52
CA ASN B 47 8.41 19.06 -7.23
C ASN B 47 7.17 18.45 -6.58
N SER B 48 6.54 17.46 -7.23
CA SER B 48 5.32 16.90 -6.68
C SER B 48 5.67 15.93 -5.55
N ARG B 49 6.96 15.57 -5.39
CA ARG B 49 7.32 14.67 -4.33
C ARG B 49 8.80 14.83 -4.02
N ALA B 50 9.20 14.74 -2.73
CA ALA B 50 10.59 14.94 -2.39
C ALA B 50 10.88 14.36 -1.02
N TYR B 51 12.15 14.08 -0.75
CA TYR B 51 12.55 13.69 0.58
C TYR B 51 13.10 14.94 1.25
N SER B 52 14.06 15.60 0.60
CA SER B 52 14.66 16.82 1.12
C SER B 52 14.06 17.99 0.38
N GLY B 53 13.65 19.06 1.05
CA GLY B 53 13.30 20.29 0.35
C GLY B 53 12.07 20.07 -0.52
N SER B 54 12.06 20.70 -1.68
CA SER B 54 10.92 20.66 -2.59
C SER B 54 11.14 19.77 -3.82
N GLN B 55 12.42 19.41 -4.13
CA GLN B 55 12.70 18.78 -5.41
C GLN B 55 13.40 17.44 -5.24
N SER B 56 13.01 16.54 -6.18
CA SER B 56 13.64 15.23 -6.31
C SER B 56 13.73 14.95 -7.78
N VAL B 57 14.27 13.80 -8.22
CA VAL B 57 14.23 13.45 -9.61
C VAL B 57 13.30 12.26 -9.78
N HIS B 58 12.48 12.36 -10.82
CA HIS B 58 11.45 11.43 -11.15
C HIS B 58 11.90 10.76 -12.44
N PHE B 59 11.95 9.43 -12.35
CA PHE B 59 12.10 8.56 -13.48
C PHE B 59 10.81 7.84 -13.82
N LYS B 60 10.41 7.89 -15.08
CA LYS B 60 9.35 7.05 -15.59
C LYS B 60 10.02 6.12 -16.59
N GLY B 61 9.97 4.83 -16.31
CA GLY B 61 10.54 3.93 -17.30
C GLY B 61 10.07 2.51 -17.09
N GLY B 62 10.79 1.56 -17.68
CA GLY B 62 10.27 0.21 -17.75
C GLY B 62 11.30 -0.63 -18.47
N ALA B 63 10.81 -1.30 -19.51
CA ALA B 63 11.64 -2.07 -20.41
C ALA B 63 12.73 -1.14 -20.90
N ALA B 64 12.31 0.10 -21.20
CA ALA B 64 13.23 1.15 -21.61
C ALA B 64 13.75 1.87 -20.37
N PRO B 65 15.06 2.09 -20.29
CA PRO B 65 15.65 2.66 -19.09
C PRO B 65 15.45 4.18 -19.03
N ALA B 66 15.23 4.66 -17.82
CA ALA B 66 15.24 6.04 -17.42
C ALA B 66 16.20 6.23 -16.26
N GLN B 67 17.37 6.79 -16.55
CA GLN B 67 18.49 6.90 -15.63
C GLN B 67 19.19 8.23 -15.77
N ILE B 68 19.72 8.69 -14.64
CA ILE B 68 20.68 9.77 -14.69
C ILE B 68 22.04 9.16 -14.42
N VAL B 69 23.05 9.75 -15.00
CA VAL B 69 24.39 9.22 -15.06
C VAL B 69 25.40 10.32 -14.71
N LYS B 70 26.40 9.98 -13.92
CA LYS B 70 27.52 10.83 -13.57
C LYS B 70 28.82 10.03 -13.72
N ALA B 71 29.81 10.64 -14.32
CA ALA B 71 31.13 10.07 -14.34
C ALA B 71 31.71 9.95 -12.92
N LEU B 72 32.55 8.94 -12.70
CA LEU B 72 33.29 8.81 -11.45
C LEU B 72 34.75 9.13 -11.76
N PRO B 73 35.59 9.52 -10.80
CA PRO B 73 36.98 9.84 -11.12
C PRO B 73 37.74 8.56 -11.44
N GLN B 74 38.80 8.64 -12.26
CA GLN B 74 39.62 7.46 -12.51
C GLN B 74 40.46 7.13 -11.27
N GLY B 75 40.73 5.84 -11.10
CA GLY B 75 41.64 5.36 -10.09
C GLY B 75 40.96 4.82 -8.83
N LEU B 76 39.62 4.79 -8.84
CA LEU B 76 38.90 4.43 -7.61
C LEU B 76 39.09 2.96 -7.29
N ASP B 77 39.24 2.71 -6.00
CA ASP B 77 39.40 1.38 -5.44
C ASP B 77 38.03 0.91 -4.92
N ARG B 78 37.13 1.85 -4.64
CA ARG B 78 35.84 1.47 -4.13
C ARG B 78 34.84 2.59 -4.39
N VAL B 79 33.56 2.25 -4.42
CA VAL B 79 32.50 3.20 -4.71
C VAL B 79 31.36 2.91 -3.75
N TYR B 80 30.86 3.98 -3.16
CA TYR B 80 29.63 3.95 -2.44
C TYR B 80 28.62 4.79 -3.19
N LEU B 81 27.42 4.25 -3.34
CA LEU B 81 26.31 4.96 -3.92
C LEU B 81 25.26 5.08 -2.82
N LYS B 82 24.52 6.16 -2.77
CA LYS B 82 23.44 6.31 -1.80
C LYS B 82 22.32 7.04 -2.49
N ALA B 83 21.07 6.62 -2.29
CA ALA B 83 19.95 7.42 -2.72
C ALA B 83 18.80 7.28 -1.73
N MET B 84 18.03 8.32 -1.56
CA MET B 84 16.71 8.15 -0.98
C MET B 84 15.80 7.81 -2.15
N VAL B 85 14.98 6.77 -1.99
CA VAL B 85 14.28 6.14 -3.11
C VAL B 85 12.83 5.91 -2.74
N TYR B 86 11.95 6.31 -3.67
CA TYR B 86 10.52 6.14 -3.51
C TYR B 86 10.02 5.51 -4.81
N MET B 87 9.48 4.29 -4.69
CA MET B 87 9.13 3.47 -5.85
C MET B 87 7.63 3.17 -5.96
N SER B 88 7.11 3.13 -7.17
CA SER B 88 5.73 2.77 -7.40
C SER B 88 5.55 1.25 -7.31
N LYS B 89 6.63 0.44 -7.27
CA LYS B 89 6.46 -0.98 -7.03
C LYS B 89 7.56 -1.44 -6.08
N LYS B 90 7.43 -2.63 -5.50
CA LYS B 90 8.44 -3.10 -4.59
C LYS B 90 9.64 -3.72 -5.33
N LEU B 91 10.75 -3.93 -4.61
CA LEU B 91 11.83 -4.77 -5.02
C LEU B 91 11.97 -5.85 -3.96
N GLY B 92 12.20 -7.10 -4.43
CA GLY B 92 12.43 -8.22 -3.54
C GLY B 92 11.16 -9.00 -3.22
N ASN B 93 11.33 -10.29 -2.95
CA ASN B 93 10.22 -11.11 -2.46
C ASN B 93 9.00 -11.01 -3.38
N GLU B 94 9.16 -11.47 -4.61
CA GLU B 94 8.08 -11.25 -5.57
C GLU B 94 8.10 -12.35 -6.61
N ALA B 95 6.95 -12.93 -6.90
CA ALA B 95 6.75 -13.95 -7.92
C ALA B 95 7.12 -13.44 -9.31
N ASN B 96 7.81 -14.32 -10.07
CA ASN B 96 7.94 -14.26 -11.51
C ASN B 96 8.84 -13.16 -12.03
N ASP B 97 9.65 -12.53 -11.17
CA ASP B 97 10.54 -11.45 -11.62
C ASP B 97 11.73 -12.08 -12.36
N ASN B 98 12.21 -11.40 -13.41
CA ASN B 98 13.47 -11.72 -14.04
C ASN B 98 14.59 -10.92 -13.36
N HIS B 99 14.63 -9.60 -13.50
CA HIS B 99 15.51 -8.72 -12.80
C HIS B 99 15.17 -7.27 -13.15
N GLU B 100 15.45 -6.38 -12.19
CA GLU B 100 15.20 -4.97 -12.30
C GLU B 100 16.21 -4.26 -11.44
N HIS B 101 16.63 -3.06 -11.86
CA HIS B 101 17.61 -2.35 -11.05
C HIS B 101 17.33 -0.86 -10.95
N ILE B 102 17.74 -0.27 -9.81
CA ILE B 102 17.60 1.15 -9.50
C ILE B 102 18.93 1.90 -9.52
N MET B 103 20.05 1.24 -9.63
CA MET B 103 21.27 1.86 -9.21
C MET B 103 22.40 1.02 -9.76
N GLY B 104 23.54 1.62 -10.04
CA GLY B 104 24.65 0.85 -10.49
C GLY B 104 25.87 1.61 -10.94
N VAL B 105 26.87 0.83 -11.42
CA VAL B 105 28.07 1.40 -12.04
C VAL B 105 28.29 0.73 -13.38
N ARG B 106 28.68 1.50 -14.35
CA ARG B 106 28.96 1.00 -15.71
C ARG B 106 30.32 1.46 -16.20
N ALA B 107 30.92 0.65 -17.07
CA ALA B 107 32.26 0.89 -17.58
C ALA B 107 32.25 1.98 -18.64
N ASN B 108 31.20 2.09 -19.46
CA ASN B 108 31.14 3.06 -20.54
C ASN B 108 29.71 3.57 -20.72
N ALA B 109 29.61 4.83 -21.12
CA ALA B 109 28.35 5.51 -21.14
C ALA B 109 27.44 5.01 -22.26
N SER B 110 28.03 4.47 -23.33
CA SER B 110 27.32 4.25 -24.58
C SER B 110 26.22 3.18 -24.44
N GLY B 111 26.40 2.23 -23.49
CA GLY B 111 25.59 1.03 -23.55
C GLY B 111 25.17 0.59 -22.17
N ALA B 112 24.22 -0.36 -22.13
CA ALA B 112 23.79 -1.00 -20.88
C ALA B 112 24.41 -2.38 -20.69
N ASP B 113 25.48 -2.70 -21.43
CA ASP B 113 25.90 -4.09 -21.57
C ASP B 113 27.15 -4.40 -20.71
N ASN B 114 27.68 -3.41 -19.94
CA ASN B 114 28.89 -3.68 -19.16
C ASN B 114 28.84 -2.98 -17.81
N GLU B 115 28.25 -3.63 -16.82
CA GLU B 115 27.74 -2.91 -15.66
C GLU B 115 27.40 -3.89 -14.55
N ILE B 116 27.23 -3.26 -13.38
CA ILE B 116 26.76 -3.85 -12.15
C ILE B 116 25.46 -3.19 -11.89
N ARG B 117 24.43 -3.98 -11.66
CA ARG B 117 23.07 -3.55 -11.55
C ARG B 117 22.55 -4.01 -10.21
N PHE B 118 22.18 -3.07 -9.33
CA PHE B 118 21.62 -3.40 -8.05
C PHE B 118 20.11 -3.22 -8.08
N GLY B 119 19.38 -4.27 -7.70
CA GLY B 119 17.94 -4.03 -7.47
C GLY B 119 17.28 -5.30 -6.97
N GLN B 120 16.62 -6.02 -7.86
CA GLN B 120 16.30 -7.40 -7.61
C GLN B 120 16.65 -8.29 -8.80
N ILE B 121 16.91 -9.55 -8.49
CA ILE B 121 17.13 -10.61 -9.46
C ILE B 121 16.24 -11.76 -9.06
N LYS B 122 15.50 -12.35 -10.02
CA LYS B 122 14.59 -13.45 -9.74
C LYS B 122 13.86 -13.24 -8.41
N GLY B 123 13.33 -12.03 -8.20
CA GLY B 123 12.44 -11.78 -7.08
C GLY B 123 13.15 -11.85 -5.73
N HIS B 124 14.48 -11.62 -5.67
CA HIS B 124 15.14 -11.38 -4.40
C HIS B 124 15.92 -10.09 -4.60
N ILE B 125 16.14 -9.28 -3.58
CA ILE B 125 17.05 -8.16 -3.64
C ILE B 125 18.41 -8.67 -4.07
N GLY B 126 19.07 -7.97 -5.01
CA GLY B 126 20.34 -8.49 -5.44
C GLY B 126 20.91 -7.81 -6.66
N THR B 127 21.84 -8.47 -7.32
CA THR B 127 22.79 -7.89 -8.24
C THR B 127 22.90 -8.77 -9.51
N ASN B 128 22.93 -8.13 -10.64
CA ASN B 128 23.19 -8.70 -11.94
C ASN B 128 24.50 -8.07 -12.45
N GLU B 129 25.49 -8.89 -12.85
CA GLU B 129 26.62 -8.39 -13.63
C GLU B 129 26.41 -8.64 -15.13
N VAL B 130 26.64 -7.64 -15.97
CA VAL B 130 26.75 -7.90 -17.42
C VAL B 130 28.15 -7.50 -17.91
N PRO B 131 28.74 -8.16 -18.93
CA PRO B 131 28.04 -9.09 -19.85
C PRO B 131 27.94 -10.58 -19.48
N SER B 132 28.46 -10.97 -18.31
CA SER B 132 28.42 -12.39 -17.92
C SER B 132 26.99 -12.91 -17.66
N ASP B 133 26.10 -11.99 -17.22
CA ASP B 133 24.69 -12.19 -16.82
C ASP B 133 24.65 -13.00 -15.55
N ASP B 134 25.74 -13.02 -14.77
CA ASP B 134 25.65 -13.67 -13.48
C ASP B 134 24.73 -12.80 -12.57
N ILE B 135 24.23 -13.44 -11.53
CA ILE B 135 23.22 -12.87 -10.65
C ILE B 135 23.48 -13.45 -9.28
N ALA B 136 23.21 -12.63 -8.28
CA ALA B 136 23.45 -13.04 -6.90
C ALA B 136 22.34 -12.42 -6.04
N PRO B 137 21.68 -13.15 -5.09
CA PRO B 137 22.10 -14.48 -4.66
C PRO B 137 21.83 -15.66 -5.55
N PRO B 138 22.24 -16.89 -5.12
CA PRO B 138 22.00 -18.14 -5.86
C PRO B 138 20.54 -18.59 -5.85
N GLN B 139 20.22 -19.59 -6.67
CA GLN B 139 18.83 -19.96 -6.97
C GLN B 139 18.02 -20.38 -5.73
N SER B 140 18.72 -21.01 -4.81
CA SER B 140 18.24 -21.33 -3.48
C SER B 140 17.35 -20.23 -2.90
N GLN B 141 17.60 -18.94 -3.23
CA GLN B 141 17.01 -17.84 -2.46
C GLN B 141 15.99 -17.07 -3.30
N TRP B 142 15.75 -17.46 -4.54
CA TRP B 142 14.90 -16.65 -5.39
C TRP B 142 13.43 -16.61 -4.89
N TYR B 143 12.73 -15.54 -5.29
CA TYR B 143 11.35 -15.31 -5.01
C TYR B 143 11.11 -15.38 -3.53
N SER B 144 11.88 -14.61 -2.80
CA SER B 144 11.76 -14.58 -1.37
C SER B 144 12.66 -13.46 -0.80
N GLY B 145 12.86 -13.52 0.53
CA GLY B 145 13.76 -12.64 1.26
C GLY B 145 13.15 -11.25 1.52
N PRO B 146 14.00 -10.27 1.89
CA PRO B 146 13.53 -8.92 2.22
C PRO B 146 13.02 -8.07 1.04
N GLU B 147 12.19 -7.10 1.40
CA GLU B 147 11.54 -6.16 0.50
C GLU B 147 12.04 -4.76 0.75
N ILE B 148 12.23 -4.03 -0.35
CA ILE B 148 12.10 -2.59 -0.39
C ILE B 148 10.63 -2.32 -0.75
N THR B 149 9.82 -1.88 0.24
CA THR B 149 8.41 -1.67 -0.02
C THR B 149 8.21 -0.54 -1.03
N ALA B 150 7.08 -0.60 -1.76
CA ALA B 150 6.63 0.45 -2.62
C ALA B 150 6.08 1.66 -1.82
N ASN B 151 6.10 2.84 -2.41
CA ASN B 151 5.31 3.96 -1.92
C ASN B 151 5.78 4.39 -0.54
N ASP B 152 7.07 4.33 -0.28
CA ASP B 152 7.68 4.88 0.92
C ASP B 152 9.13 5.27 0.58
N TRP B 153 9.68 6.20 1.36
CA TRP B 153 11.05 6.63 1.20
C TRP B 153 11.95 5.68 1.89
N HIS B 154 12.98 5.21 1.13
CA HIS B 154 13.94 4.28 1.66
C HIS B 154 15.32 4.81 1.33
N CYS B 155 16.23 4.70 2.30
CA CYS B 155 17.63 5.02 2.11
C CYS B 155 18.32 3.75 1.62
N VAL B 156 18.88 3.80 0.44
CA VAL B 156 19.58 2.68 -0.17
C VAL B 156 21.05 3.04 -0.30
N VAL B 157 21.92 2.26 0.36
CA VAL B 157 23.35 2.43 0.26
C VAL B 157 23.98 1.19 -0.38
N VAL B 158 24.72 1.37 -1.46
CA VAL B 158 25.45 0.25 -2.06
C VAL B 158 26.94 0.52 -1.95
N GLU B 159 27.66 -0.42 -1.36
CA GLU B 159 29.10 -0.33 -1.14
C GLU B 159 29.73 -1.35 -2.08
N MET B 160 30.70 -0.93 -2.89
CA MET B 160 31.37 -1.84 -3.84
C MET B 160 32.86 -1.75 -3.59
N LEU B 161 33.48 -2.81 -3.05
CA LEU B 161 34.89 -2.71 -2.71
C LEU B 161 35.73 -3.59 -3.62
N ALA B 162 36.68 -2.94 -4.30
CA ALA B 162 37.66 -3.61 -5.15
C ALA B 162 39.00 -3.58 -4.43
N GLY B 163 39.97 -2.97 -5.09
CA GLY B 163 41.21 -2.60 -4.43
C GLY B 163 42.08 -3.83 -4.30
N ASP B 164 42.46 -4.19 -3.05
CA ASP B 164 43.40 -5.29 -2.78
C ASP B 164 42.68 -6.55 -2.29
N LEU B 165 41.37 -6.49 -2.12
CA LEU B 165 40.59 -7.69 -1.83
C LEU B 165 40.90 -8.74 -2.89
N ALA B 166 41.09 -9.98 -2.39
CA ALA B 166 41.21 -11.21 -3.17
C ALA B 166 39.92 -11.49 -3.93
N TYR B 167 38.79 -11.11 -3.31
CA TYR B 167 37.47 -11.27 -3.88
C TYR B 167 36.74 -9.96 -3.72
N HIS B 168 36.33 -9.34 -4.81
CA HIS B 168 35.58 -8.09 -4.68
C HIS B 168 34.21 -8.26 -4.08
N GLN B 169 33.74 -7.21 -3.42
CA GLN B 169 32.60 -7.27 -2.49
C GLN B 169 31.57 -6.22 -2.83
N LEU B 170 30.32 -6.54 -2.52
CA LEU B 170 29.22 -5.63 -2.59
C LEU B 170 28.35 -5.83 -1.36
N ASN B 171 27.90 -4.71 -0.79
CA ASN B 171 27.00 -4.74 0.32
C ASN B 171 25.92 -3.71 -0.03
N ALA B 172 24.66 -4.11 0.17
CA ALA B 172 23.54 -3.24 -0.06
C ALA B 172 22.74 -3.14 1.22
N TYR B 173 22.65 -1.93 1.74
CA TYR B 173 21.88 -1.60 2.90
C TYR B 173 20.61 -0.86 2.45
N VAL B 174 19.49 -1.20 3.11
CA VAL B 174 18.31 -0.40 3.02
C VAL B 174 17.88 -0.03 4.43
N ASP B 175 17.80 1.27 4.70
CA ASP B 175 17.35 1.85 5.97
C ASP B 175 18.16 1.22 7.11
N GLY B 176 19.47 1.07 6.84
CA GLY B 176 20.39 0.59 7.87
C GLY B 176 20.57 -0.93 7.88
N GLU B 177 19.66 -1.70 7.26
CA GLU B 177 19.75 -3.14 7.32
C GLU B 177 20.43 -3.64 6.06
N LEU B 178 21.42 -4.52 6.25
CA LEU B 178 22.10 -5.24 5.20
C LEU B 178 21.16 -6.26 4.56
N LEU B 179 20.82 -6.05 3.28
CA LEU B 179 19.85 -6.92 2.65
C LEU B 179 20.51 -7.84 1.64
N HIS B 180 21.78 -7.62 1.33
CA HIS B 180 22.42 -8.31 0.23
C HIS B 180 23.91 -8.05 0.35
N SER B 181 24.68 -9.10 0.15
CA SER B 181 26.12 -9.14 0.38
C SER B 181 26.70 -10.02 -0.73
N ILE B 182 27.82 -9.64 -1.32
CA ILE B 182 28.67 -10.57 -2.04
C ILE B 182 30.08 -10.51 -1.48
N ASP B 183 30.65 -11.65 -1.09
CA ASP B 183 32.05 -11.68 -0.71
C ASP B 183 32.75 -12.99 -1.09
N ALA B 184 32.06 -13.86 -1.85
CA ALA B 184 32.71 -15.04 -2.42
C ALA B 184 32.01 -15.51 -3.68
N ALA B 185 32.74 -16.29 -4.49
CA ALA B 185 32.25 -16.93 -5.70
C ALA B 185 30.88 -17.56 -5.47
N ASN B 186 30.68 -18.19 -4.30
CA ASN B 186 29.42 -18.93 -4.14
C ASN B 186 28.22 -18.05 -3.74
N ASP B 187 28.40 -16.71 -3.69
CA ASP B 187 27.33 -15.78 -3.48
C ASP B 187 26.63 -15.56 -4.84
N TRP B 188 27.27 -15.94 -5.94
CA TRP B 188 26.69 -15.85 -7.27
C TRP B 188 26.14 -17.19 -7.66
N ASN B 189 25.13 -17.17 -8.52
CA ASN B 189 24.45 -18.41 -8.89
C ASN B 189 25.31 -19.25 -9.78
N ASN B 190 26.08 -18.60 -10.67
CA ASN B 190 26.86 -19.27 -11.68
C ASN B 190 28.34 -19.17 -11.37
N GLY B 191 28.72 -18.95 -10.08
CA GLY B 191 30.10 -19.14 -9.67
C GLY B 191 31.07 -17.94 -9.85
N GLY B 192 30.54 -16.77 -10.17
CA GLY B 192 31.23 -15.50 -10.06
C GLY B 192 31.79 -14.93 -11.38
N VAL B 193 30.88 -14.44 -12.21
CA VAL B 193 31.28 -13.63 -13.35
C VAL B 193 32.38 -14.35 -14.14
N ASN B 194 32.09 -15.58 -14.57
CA ASN B 194 32.96 -16.37 -15.43
C ASN B 194 34.32 -16.47 -14.78
N GLY B 195 34.36 -16.85 -13.46
CA GLY B 195 35.59 -17.18 -12.77
C GLY B 195 36.42 -15.94 -12.40
N ASN B 196 35.84 -14.73 -12.44
CA ASN B 196 36.58 -13.50 -12.17
C ASN B 196 36.38 -13.10 -10.71
N ALA B 197 37.42 -13.32 -9.90
CA ALA B 197 37.37 -12.87 -8.52
C ALA B 197 37.38 -11.33 -8.39
N HIS B 198 37.93 -10.60 -9.36
CA HIS B 198 38.00 -9.17 -9.34
C HIS B 198 36.95 -8.61 -10.31
N TRP B 199 35.67 -8.89 -10.02
CA TRP B 199 34.56 -8.68 -10.97
C TRP B 199 34.10 -7.22 -11.08
N LEU B 200 34.64 -6.31 -10.25
CA LEU B 200 34.31 -4.92 -10.41
C LEU B 200 35.34 -4.24 -11.29
N ASP B 201 36.35 -4.97 -11.78
CA ASP B 201 37.41 -4.39 -12.61
C ASP B 201 36.78 -3.72 -13.84
N GLY B 202 37.12 -2.42 -14.02
CA GLY B 202 36.74 -1.72 -15.22
C GLY B 202 35.36 -1.08 -15.10
N LYS B 203 34.69 -1.28 -13.97
CA LYS B 203 33.30 -0.93 -13.83
C LYS B 203 33.10 0.50 -13.32
N PHE B 204 34.14 1.07 -12.70
CA PHE B 204 33.94 2.30 -11.94
C PHE B 204 34.08 3.54 -12.78
N ASN B 205 33.46 3.64 -13.98
CA ASN B 205 33.62 4.84 -14.77
C ASN B 205 32.39 5.72 -14.69
N TYR B 206 31.23 5.13 -14.45
CA TYR B 206 30.05 5.92 -14.31
C TYR B 206 29.21 5.30 -13.21
N ALA B 207 28.43 6.14 -12.49
CA ALA B 207 27.37 5.70 -11.62
C ALA B 207 26.08 6.05 -12.31
N PHE B 208 25.04 5.22 -12.13
CA PHE B 208 23.77 5.61 -12.66
C PHE B 208 22.70 5.27 -11.64
N PHE B 209 21.55 5.93 -11.81
CA PHE B 209 20.44 5.83 -10.92
C PHE B 209 19.19 6.00 -11.77
N GLY B 210 18.16 5.23 -11.40
CA GLY B 210 16.87 5.41 -12.07
C GLY B 210 16.09 4.11 -12.03
N TRP B 211 15.50 3.79 -13.17
CA TRP B 211 14.78 2.55 -13.22
C TRP B 211 15.09 1.85 -14.52
N HIS B 212 15.29 0.54 -14.46
CA HIS B 212 15.35 -0.28 -15.66
C HIS B 212 14.82 -1.67 -15.35
N SER B 213 13.81 -2.15 -16.07
CA SER B 213 13.20 -3.44 -15.75
C SER B 213 13.45 -4.36 -16.93
N PHE B 214 13.86 -5.60 -16.70
CA PHE B 214 13.92 -6.69 -17.64
C PHE B 214 12.82 -7.71 -17.33
N SER B 215 11.80 -7.25 -16.59
CA SER B 215 10.63 -8.04 -16.25
C SER B 215 9.38 -7.38 -16.80
N ASN B 216 9.59 -6.52 -17.80
CA ASN B 216 8.56 -5.68 -18.39
C ASN B 216 7.69 -4.95 -17.37
N ASN B 217 8.24 -4.41 -16.29
CA ASN B 217 7.40 -3.61 -15.41
C ASN B 217 7.74 -2.12 -15.51
N ASP B 218 6.75 -1.34 -15.99
CA ASP B 218 6.74 0.09 -15.91
C ASP B 218 6.67 0.52 -14.45
N ALA B 219 7.37 1.61 -14.15
CA ALA B 219 7.41 2.16 -12.83
C ALA B 219 7.79 3.64 -12.87
N ASP B 220 7.34 4.29 -11.81
CA ASP B 220 7.70 5.64 -11.41
C ASP B 220 8.60 5.49 -10.18
N VAL B 221 9.79 6.08 -10.28
CA VAL B 221 10.66 6.15 -9.13
C VAL B 221 11.01 7.61 -8.91
N TRP B 222 11.05 8.00 -7.65
CA TRP B 222 11.69 9.26 -7.31
C TRP B 222 12.93 8.97 -6.47
N MET B 223 13.95 9.78 -6.66
CA MET B 223 15.13 9.66 -5.85
C MET B 223 15.54 11.04 -5.41
N ASP B 224 16.24 11.11 -4.31
CA ASP B 224 16.67 12.37 -3.81
C ASP B 224 17.85 12.08 -2.90
N ASP B 225 18.60 13.15 -2.56
CA ASP B 225 19.77 13.14 -1.72
C ASP B 225 20.70 12.04 -2.23
N ILE B 226 20.99 12.11 -3.54
CA ILE B 226 21.86 11.08 -4.08
C ILE B 226 23.30 11.43 -3.76
N GLU B 227 24.09 10.46 -3.32
CA GLU B 227 25.51 10.66 -3.06
C GLU B 227 26.36 9.55 -3.70
N MET B 228 27.57 9.95 -4.06
CA MET B 228 28.61 9.03 -4.46
C MET B 228 29.91 9.41 -3.75
N SER B 229 30.74 8.41 -3.52
CA SER B 229 31.86 8.58 -2.65
C SER B 229 32.81 7.41 -2.72
N ASP B 230 34.09 7.62 -2.39
CA ASP B 230 35.00 6.52 -2.17
C ASP B 230 35.23 6.27 -0.68
N ALA B 231 34.32 6.85 0.14
CA ALA B 231 34.30 6.62 1.56
C ALA B 231 32.88 6.28 1.96
N PRO B 232 32.70 5.58 3.10
CA PRO B 232 31.36 5.18 3.55
C PRO B 232 30.38 6.36 3.66
N LEU B 233 29.10 6.04 3.39
CA LEU B 233 28.01 7.00 3.39
C LEU B 233 27.03 6.70 4.52
N THR B 234 26.23 7.70 4.86
CA THR B 234 25.33 7.63 6.01
C THR B 234 23.89 7.88 5.57
N CYS B 235 22.95 7.39 6.41
CA CYS B 235 21.55 7.82 6.31
C CYS B 235 21.24 8.81 7.44
N GLY C 3 -8.28 -5.73 14.27
CA GLY C 3 -9.20 -5.85 15.41
C GLY C 3 -10.21 -4.70 15.44
N PHE C 4 -9.74 -3.55 15.93
CA PHE C 4 -10.53 -2.44 16.39
C PHE C 4 -11.32 -1.79 15.25
N PHE C 5 -12.63 -1.54 15.48
CA PHE C 5 -13.47 -0.84 14.53
C PHE C 5 -14.57 -0.15 15.28
N VAL C 6 -14.89 1.11 14.93
CA VAL C 6 -16.09 1.80 15.39
C VAL C 6 -16.63 2.66 14.26
N SER C 7 -17.92 2.73 14.14
CA SER C 7 -18.56 3.54 13.10
C SER C 7 -19.74 4.26 13.76
N ASP C 8 -20.13 5.39 13.20
CA ASP C 8 -21.27 6.17 13.68
C ASP C 8 -21.76 7.06 12.55
N ASP C 9 -22.97 6.76 12.11
CA ASP C 9 -23.69 7.51 11.10
C ASP C 9 -24.66 8.48 11.77
N PHE C 10 -24.69 8.49 13.11
CA PHE C 10 -25.49 9.38 13.94
C PHE C 10 -27.02 9.17 13.79
N GLU C 11 -27.47 8.08 13.15
CA GLU C 11 -28.90 7.81 13.00
C GLU C 11 -29.54 7.32 14.32
N SER C 12 -28.71 6.72 15.21
CA SER C 12 -29.08 6.16 16.49
C SER C 12 -29.27 7.22 17.57
N SER C 13 -28.68 8.41 17.36
CA SER C 13 -28.70 9.44 18.38
C SER C 13 -29.98 10.29 18.35
N SER C 14 -30.31 10.91 19.47
CA SER C 14 -31.45 11.81 19.54
C SER C 14 -30.97 13.22 19.19
N VAL C 15 -31.73 13.88 18.31
CA VAL C 15 -31.44 15.25 17.88
C VAL C 15 -31.31 16.17 19.09
N SER C 16 -30.37 17.13 18.96
CA SER C 16 -30.09 18.17 19.94
C SER C 16 -29.30 17.61 21.13
N GLN C 17 -29.00 16.31 21.17
CA GLN C 17 -28.23 15.80 22.29
C GLN C 17 -26.78 15.55 21.83
N GLN C 18 -25.95 15.36 22.85
CA GLN C 18 -24.60 14.89 22.63
C GLN C 18 -24.73 13.50 22.04
N PRO C 19 -24.06 13.16 20.94
CA PRO C 19 -24.26 11.83 20.36
C PRO C 19 -23.98 10.68 21.32
N ALA C 20 -24.79 9.65 21.18
CA ALA C 20 -24.74 8.54 22.11
C ALA C 20 -23.40 7.85 21.99
N GLY C 21 -22.73 7.54 23.08
CA GLY C 21 -21.54 6.71 22.99
C GLY C 21 -20.23 7.54 23.01
N TRP C 22 -20.38 8.86 22.82
CA TRP C 22 -19.26 9.79 22.76
C TRP C 22 -19.13 10.56 24.04
N ASP C 23 -17.87 10.83 24.46
CA ASP C 23 -17.50 11.85 25.45
C ASP C 23 -17.36 13.20 24.76
N ASN C 24 -17.11 14.30 25.49
CA ASN C 24 -16.89 15.58 24.85
C ASN C 24 -15.59 16.27 25.28
N PHE C 25 -15.14 17.22 24.44
CA PHE C 25 -14.20 18.24 24.87
C PHE C 25 -14.74 19.57 24.36
N VAL C 26 -15.43 20.31 25.26
CA VAL C 26 -16.25 21.44 24.84
C VAL C 26 -15.96 22.59 25.80
N GLY C 27 -15.58 23.76 25.27
CA GLY C 27 -15.30 24.87 26.15
C GLY C 27 -14.16 24.56 27.11
N TRP C 28 -13.15 23.86 26.59
CA TRP C 28 -11.90 23.53 27.28
C TRP C 28 -12.12 22.53 28.40
N GLN C 29 -13.28 21.90 28.48
CA GLN C 29 -13.49 20.96 29.56
C GLN C 29 -13.84 19.57 29.00
N SER C 30 -13.16 18.53 29.54
CA SER C 30 -13.49 17.16 29.18
C SER C 30 -14.82 16.79 29.79
N ASN C 31 -15.76 16.30 28.99
CA ASN C 31 -17.07 15.92 29.52
C ASN C 31 -17.64 17.09 30.28
N ASN C 32 -17.65 18.22 29.59
CA ASN C 32 -18.41 19.39 29.95
C ASN C 32 -19.85 18.96 30.19
N PRO C 33 -20.42 19.17 31.40
CA PRO C 33 -21.82 18.78 31.66
C PRO C 33 -22.75 19.62 30.80
N ASN C 34 -22.25 20.78 30.36
CA ASN C 34 -23.08 21.81 29.75
C ASN C 34 -22.78 21.82 28.28
N ASN C 35 -23.09 20.74 27.57
CA ASN C 35 -22.85 20.68 26.15
C ASN C 35 -24.22 20.65 25.49
N ASN C 36 -24.82 21.79 25.23
CA ASN C 36 -26.06 21.77 24.50
C ASN C 36 -26.14 22.96 23.53
N SER C 37 -27.14 22.94 22.65
CA SER C 37 -27.24 23.90 21.57
C SER C 37 -27.77 25.23 22.08
N GLY C 38 -28.11 25.32 23.37
CA GLY C 38 -28.40 26.63 23.93
C GLY C 38 -27.15 27.40 24.35
N GLN C 39 -25.96 26.75 24.29
CA GLN C 39 -24.72 27.43 24.63
C GLN C 39 -24.16 28.03 23.32
N ALA C 40 -23.10 28.82 23.46
CA ALA C 40 -22.40 29.38 22.32
C ALA C 40 -21.39 28.40 21.70
N VAL C 41 -20.86 27.45 22.50
CA VAL C 41 -19.98 26.41 22.00
C VAL C 41 -20.60 25.06 22.31
N TYR C 42 -20.64 24.13 21.36
CA TYR C 42 -21.31 22.84 21.60
C TYR C 42 -21.00 21.83 20.50
N ALA C 43 -21.32 20.56 20.81
CA ALA C 43 -21.25 19.44 19.86
C ALA C 43 -22.46 18.52 20.00
N VAL C 44 -23.42 18.62 19.08
CA VAL C 44 -24.71 17.97 19.30
C VAL C 44 -25.19 17.36 18.00
N VAL C 45 -26.10 16.37 18.14
CA VAL C 45 -26.71 15.79 16.98
C VAL C 45 -27.64 16.79 16.32
N ASP C 46 -27.60 16.87 14.99
CA ASP C 46 -28.49 17.73 14.27
C ASP C 46 -29.13 16.95 13.15
N ASN C 47 -30.33 17.38 12.81
CA ASN C 47 -30.96 17.11 11.53
C ASN C 47 -30.87 18.32 10.60
N SER C 48 -30.15 19.36 10.98
CA SER C 48 -30.02 20.55 10.13
C SER C 48 -29.47 20.11 8.79
N ARG C 49 -28.49 19.21 8.85
CA ARG C 49 -27.92 18.69 7.63
C ARG C 49 -27.24 17.36 7.94
N ALA C 50 -27.00 16.57 6.86
CA ALA C 50 -26.44 15.25 7.01
C ALA C 50 -25.90 14.77 5.68
N TYR C 51 -25.00 13.79 5.76
CA TYR C 51 -24.51 13.15 4.57
C TYR C 51 -25.25 11.83 4.41
N SER C 52 -25.29 11.04 5.47
CA SER C 52 -26.07 9.82 5.48
C SER C 52 -27.34 10.12 6.27
N GLY C 53 -28.50 9.65 5.77
CA GLY C 53 -29.67 9.56 6.64
C GLY C 53 -30.17 10.95 6.95
N SER C 54 -30.70 11.18 8.13
CA SER C 54 -31.13 12.53 8.50
C SER C 54 -30.28 13.20 9.58
N GLN C 55 -29.35 12.47 10.20
CA GLN C 55 -28.59 12.98 11.32
C GLN C 55 -27.06 13.01 11.09
N SER C 56 -26.49 14.12 11.55
CA SER C 56 -25.06 14.31 11.55
C SER C 56 -24.75 14.93 12.92
N VAL C 57 -23.47 15.19 13.19
CA VAL C 57 -23.15 15.97 14.37
C VAL C 57 -22.72 17.36 13.96
N HIS C 58 -23.16 18.30 14.75
CA HIS C 58 -22.90 19.71 14.52
C HIS C 58 -22.02 20.23 15.67
N PHE C 59 -20.90 20.80 15.28
CA PHE C 59 -19.95 21.46 16.16
C PHE C 59 -20.01 22.98 15.93
N LYS C 60 -20.14 23.74 17.01
CA LYS C 60 -20.11 25.19 16.92
C LYS C 60 -19.03 25.57 17.88
N GLY C 61 -17.95 26.13 17.34
CA GLY C 61 -16.88 26.49 18.22
C GLY C 61 -15.96 27.49 17.55
N GLY C 62 -14.78 27.61 18.11
CA GLY C 62 -13.89 28.66 17.69
C GLY C 62 -12.62 28.53 18.49
N ALA C 63 -12.28 29.65 19.12
CA ALA C 63 -11.20 29.67 20.06
C ALA C 63 -11.43 28.57 21.09
N ALA C 64 -12.69 28.44 21.48
CA ALA C 64 -13.10 27.36 22.37
C ALA C 64 -13.41 26.12 21.57
N PRO C 65 -12.90 24.97 22.00
CA PRO C 65 -13.09 23.75 21.23
C PRO C 65 -14.48 23.16 21.47
N ALA C 66 -15.05 22.64 20.41
CA ALA C 66 -16.24 21.83 20.39
C ALA C 66 -15.92 20.51 19.68
N GLN C 67 -15.84 19.44 20.45
CA GLN C 67 -15.34 18.17 19.98
C GLN C 67 -16.12 17.01 20.66
N ILE C 68 -16.29 15.92 19.91
CA ILE C 68 -16.63 14.66 20.53
C ILE C 68 -15.38 13.81 20.58
N VAL C 69 -15.32 12.98 21.60
CA VAL C 69 -14.15 12.20 21.98
C VAL C 69 -14.59 10.76 22.22
N LYS C 70 -13.77 9.82 21.76
CA LYS C 70 -13.90 8.39 22.00
C LYS C 70 -12.59 7.81 22.48
N ALA C 71 -12.63 7.00 23.54
CA ALA C 71 -11.47 6.29 24.01
C ALA C 71 -11.11 5.21 22.97
N LEU C 72 -9.81 4.92 22.80
CA LEU C 72 -9.33 3.90 21.89
C LEU C 72 -8.80 2.79 22.77
N PRO C 73 -8.83 1.52 22.36
CA PRO C 73 -8.32 0.44 23.19
C PRO C 73 -6.81 0.54 23.30
N GLN C 74 -6.24 -0.05 24.36
CA GLN C 74 -4.81 -0.06 24.61
C GLN C 74 -4.04 -0.76 23.49
N GLY C 75 -2.85 -0.26 23.14
CA GLY C 75 -1.82 -1.02 22.43
C GLY C 75 -1.87 -0.95 20.89
N LEU C 76 -2.67 0.01 20.38
CA LEU C 76 -2.79 0.30 18.95
C LEU C 76 -1.45 0.71 18.35
N ASP C 77 -1.17 0.13 17.21
CA ASP C 77 0.04 0.33 16.44
C ASP C 77 -0.37 1.30 15.33
N ARG C 78 -1.65 1.41 14.99
CA ARG C 78 -2.02 2.41 13.99
C ARG C 78 -3.48 2.81 14.17
N VAL C 79 -3.83 3.99 13.70
CA VAL C 79 -5.19 4.47 13.78
C VAL C 79 -5.52 5.13 12.45
N TYR C 80 -6.71 4.82 11.95
CA TYR C 80 -7.28 5.50 10.82
C TYR C 80 -8.54 6.18 11.33
N LEU C 81 -8.71 7.46 11.02
CA LEU C 81 -9.92 8.22 11.34
C LEU C 81 -10.53 8.69 10.02
N LYS C 82 -11.83 8.55 9.84
CA LYS C 82 -12.50 8.85 8.59
C LYS C 82 -13.78 9.60 8.94
N ALA C 83 -14.07 10.71 8.26
CA ALA C 83 -15.29 11.43 8.49
C ALA C 83 -15.73 12.10 7.19
N MET C 84 -17.03 12.25 7.01
CA MET C 84 -17.55 13.17 6.03
C MET C 84 -17.68 14.49 6.81
N VAL C 85 -17.22 15.58 6.18
CA VAL C 85 -17.00 16.82 6.88
C VAL C 85 -17.54 17.94 6.03
N TYR C 86 -18.32 18.83 6.67
CA TYR C 86 -18.89 19.99 6.00
C TYR C 86 -18.62 21.17 6.94
N MET C 87 -17.94 22.17 6.40
CA MET C 87 -17.29 23.24 7.15
C MET C 87 -17.80 24.57 6.64
N SER C 88 -18.02 25.48 7.58
CA SER C 88 -18.41 26.85 7.24
C SER C 88 -17.25 27.65 6.65
N LYS C 89 -16.01 27.20 6.85
CA LYS C 89 -14.87 27.88 6.24
C LYS C 89 -13.93 26.83 5.62
N LYS C 90 -13.15 27.27 4.64
CA LYS C 90 -12.16 26.41 4.02
C LYS C 90 -10.93 26.23 4.90
N LEU C 91 -10.18 25.17 4.61
CA LEU C 91 -8.89 24.91 5.21
C LEU C 91 -7.89 24.92 4.06
N GLY C 92 -6.72 25.55 4.29
CA GLY C 92 -5.64 25.49 3.34
C GLY C 92 -5.59 26.70 2.40
N ASN C 93 -4.37 27.03 1.99
CA ASN C 93 -4.17 28.19 1.13
C ASN C 93 -4.83 29.45 1.71
N GLU C 94 -4.53 29.81 2.94
CA GLU C 94 -5.24 30.84 3.70
C GLU C 94 -4.23 31.75 4.41
N ALA C 95 -4.03 32.98 3.87
CA ALA C 95 -3.37 34.07 4.58
C ALA C 95 -3.84 34.29 6.04
N ASN C 96 -2.81 34.48 6.89
CA ASN C 96 -2.96 34.94 8.28
C ASN C 96 -3.53 33.86 9.19
N ASP C 97 -3.53 32.60 8.75
CA ASP C 97 -3.85 31.49 9.64
C ASP C 97 -2.68 31.23 10.60
N ASN C 98 -2.96 30.90 11.83
CA ASN C 98 -2.02 30.27 12.75
C ASN C 98 -2.18 28.73 12.66
N HIS C 99 -3.23 28.14 13.22
CA HIS C 99 -3.55 26.74 13.01
C HIS C 99 -4.96 26.48 13.50
N GLU C 100 -5.56 25.46 12.90
CA GLU C 100 -6.92 25.05 13.15
C GLU C 100 -7.03 23.58 12.84
N HIS C 101 -7.87 22.84 13.63
CA HIS C 101 -7.94 21.41 13.40
C HIS C 101 -9.34 20.86 13.60
N ILE C 102 -9.60 19.77 12.86
CA ILE C 102 -10.91 19.14 12.80
C ILE C 102 -10.91 17.74 13.39
N MET C 103 -9.77 17.18 13.70
CA MET C 103 -9.67 15.77 13.90
C MET C 103 -8.35 15.54 14.58
N GLY C 104 -8.22 14.47 15.33
CA GLY C 104 -6.93 14.14 15.89
C GLY C 104 -6.97 13.05 16.95
N VAL C 105 -5.82 12.80 17.61
CA VAL C 105 -5.72 11.88 18.72
C VAL C 105 -5.03 12.55 19.89
N ARG C 106 -5.42 12.21 21.14
CA ARG C 106 -4.78 12.80 22.33
C ARG C 106 -4.48 11.75 23.40
N ALA C 107 -3.51 12.04 24.24
CA ALA C 107 -3.02 11.05 25.20
C ALA C 107 -3.92 10.97 26.43
N ASN C 108 -4.41 12.15 26.86
CA ASN C 108 -5.14 12.36 28.11
C ASN C 108 -6.38 13.20 27.85
N ALA C 109 -7.51 12.76 28.37
CA ALA C 109 -8.75 13.36 27.96
C ALA C 109 -8.92 14.77 28.57
N SER C 110 -8.24 15.05 29.68
CA SER C 110 -8.51 16.23 30.48
C SER C 110 -7.99 17.52 29.82
N GLY C 111 -7.05 17.41 28.89
CA GLY C 111 -6.53 18.61 28.28
C GLY C 111 -6.38 18.45 26.76
N ALA C 112 -6.17 19.60 26.13
CA ALA C 112 -5.87 19.71 24.72
C ALA C 112 -4.35 19.92 24.46
N ASP C 113 -3.50 19.66 25.49
CA ASP C 113 -2.11 20.01 25.44
C ASP C 113 -1.16 18.86 25.00
N ASN C 114 -1.69 17.66 24.68
CA ASN C 114 -0.81 16.53 24.34
C ASN C 114 -1.48 15.69 23.26
N GLU C 115 -1.26 16.07 22.00
CA GLU C 115 -2.13 15.63 20.94
C GLU C 115 -1.49 15.89 19.60
N ILE C 116 -2.14 15.28 18.59
CA ILE C 116 -1.88 15.43 17.19
C ILE C 116 -3.14 16.05 16.68
N ARG C 117 -3.01 17.12 15.91
CA ARG C 117 -4.13 17.89 15.44
C ARG C 117 -4.04 17.98 13.92
N PHE C 118 -5.05 17.51 13.20
CA PHE C 118 -5.05 17.56 11.74
C PHE C 118 -5.93 18.69 11.27
N GLY C 119 -5.44 19.57 10.46
CA GLY C 119 -6.36 20.52 9.86
C GLY C 119 -5.63 21.43 8.91
N GLN C 120 -5.32 22.65 9.34
CA GLN C 120 -4.32 23.46 8.66
C GLN C 120 -3.38 24.09 9.68
N ILE C 121 -2.15 24.33 9.19
CA ILE C 121 -1.13 25.02 9.93
C ILE C 121 -0.60 26.08 8.99
N LYS C 122 -0.58 27.34 9.47
CA LYS C 122 0.04 28.39 8.71
C LYS C 122 -0.55 28.40 7.29
N GLY C 123 -1.85 28.14 7.20
CA GLY C 123 -2.51 28.27 5.92
C GLY C 123 -2.12 27.18 4.92
N HIS C 124 -1.59 26.03 5.37
CA HIS C 124 -1.51 24.87 4.47
C HIS C 124 -2.22 23.74 5.19
N ILE C 125 -2.82 22.76 4.52
CA ILE C 125 -3.33 21.59 5.21
C ILE C 125 -2.21 20.88 5.96
N GLY C 126 -2.44 20.49 7.20
CA GLY C 126 -1.32 19.92 7.91
C GLY C 126 -1.62 19.59 9.37
N THR C 127 -0.56 19.43 10.13
CA THR C 127 -0.57 18.79 11.43
C THR C 127 0.24 19.61 12.41
N ASN C 128 -0.35 19.83 13.59
CA ASN C 128 0.33 20.41 14.75
C ASN C 128 0.47 19.31 15.80
N GLU C 129 1.67 19.07 16.33
CA GLU C 129 1.84 18.22 17.51
C GLU C 129 2.04 19.10 18.74
N VAL C 130 1.32 18.82 19.84
CA VAL C 130 1.66 19.43 21.11
C VAL C 130 2.05 18.32 22.11
N PRO C 131 2.88 18.54 23.12
CA PRO C 131 3.28 19.87 23.57
C PRO C 131 4.45 20.59 22.86
N SER C 132 5.08 19.93 21.87
CA SER C 132 6.27 20.50 21.22
C SER C 132 5.91 21.75 20.42
N ASP C 133 4.64 21.82 19.97
CA ASP C 133 4.06 22.84 19.09
C ASP C 133 4.73 22.84 17.71
N ASP C 134 5.34 21.68 17.34
CA ASP C 134 5.84 21.55 15.98
C ASP C 134 4.66 21.45 15.03
N ILE C 135 4.94 21.75 13.77
CA ILE C 135 3.94 21.86 12.71
C ILE C 135 4.57 21.36 11.42
N ALA C 136 3.73 20.72 10.61
CA ALA C 136 4.17 20.20 9.33
C ALA C 136 3.08 20.45 8.30
N PRO C 137 3.37 20.82 7.04
CA PRO C 137 4.73 20.84 6.52
C PRO C 137 5.59 22.04 6.95
N PRO C 138 6.84 22.11 6.49
CA PRO C 138 7.73 23.23 6.78
C PRO C 138 7.34 24.49 6.01
N GLN C 139 8.00 25.57 6.40
CA GLN C 139 7.56 26.92 6.11
C GLN C 139 7.66 27.26 4.61
N SER C 140 8.53 26.59 3.86
CA SER C 140 8.52 26.80 2.42
C SER C 140 7.13 26.62 1.84
N GLN C 141 6.23 25.87 2.50
CA GLN C 141 4.93 25.54 1.92
C GLN C 141 3.74 26.35 2.49
N TRP C 142 3.98 27.19 3.50
CA TRP C 142 2.88 27.88 4.16
C TRP C 142 2.10 28.81 3.24
N TYR C 143 0.85 29.06 3.58
CA TYR C 143 0.00 30.05 2.89
C TYR C 143 -0.13 29.67 1.42
N SER C 144 -0.44 28.42 1.17
CA SER C 144 -0.55 27.88 -0.17
C SER C 144 -1.06 26.42 -0.12
N GLY C 145 -0.94 25.74 -1.28
CA GLY C 145 -1.25 24.31 -1.42
C GLY C 145 -2.75 24.07 -1.60
N PRO C 146 -3.20 22.81 -1.46
CA PRO C 146 -4.62 22.48 -1.64
C PRO C 146 -5.54 23.04 -0.55
N GLU C 147 -6.79 23.25 -1.01
CA GLU C 147 -7.94 23.70 -0.25
C GLU C 147 -8.89 22.52 0.01
N ILE C 148 -9.33 22.34 1.28
CA ILE C 148 -10.60 21.75 1.61
C ILE C 148 -11.65 22.85 1.58
N THR C 149 -12.47 22.96 0.52
CA THR C 149 -13.47 24.01 0.42
C THR C 149 -14.52 23.97 1.54
N ALA C 150 -15.02 25.15 1.83
CA ALA C 150 -16.21 25.38 2.65
C ALA C 150 -17.50 24.95 1.96
N ASN C 151 -18.50 24.58 2.76
CA ASN C 151 -19.88 24.45 2.27
C ASN C 151 -20.01 23.34 1.22
N ASP C 152 -19.24 22.25 1.35
CA ASP C 152 -19.48 21.05 0.56
C ASP C 152 -19.00 19.88 1.39
N TRP C 153 -19.56 18.69 1.13
CA TRP C 153 -19.17 17.52 1.91
C TRP C 153 -17.86 17.00 1.35
N HIS C 154 -16.96 16.67 2.28
CA HIS C 154 -15.63 16.14 1.94
C HIS C 154 -15.43 14.89 2.74
N CYS C 155 -14.85 13.90 2.10
CA CYS C 155 -14.47 12.70 2.83
C CYS C 155 -13.01 12.86 3.29
N VAL C 156 -12.75 12.79 4.57
CA VAL C 156 -11.41 13.02 5.10
C VAL C 156 -10.93 11.73 5.77
N VAL C 157 -9.69 11.32 5.40
CA VAL C 157 -9.13 10.15 6.00
C VAL C 157 -7.78 10.51 6.57
N VAL C 158 -7.51 10.18 7.82
CA VAL C 158 -6.20 10.39 8.38
C VAL C 158 -5.73 9.04 8.83
N GLU C 159 -4.53 8.66 8.35
CA GLU C 159 -3.84 7.42 8.63
C GLU C 159 -2.64 7.78 9.50
N MET C 160 -2.51 7.14 10.66
CA MET C 160 -1.40 7.38 11.57
C MET C 160 -0.70 6.08 11.93
N LEU C 161 0.56 5.92 11.57
CA LEU C 161 1.20 4.63 11.68
C LEU C 161 2.35 4.73 12.67
N ALA C 162 2.32 3.88 13.70
CA ALA C 162 3.31 3.78 14.78
C ALA C 162 3.83 2.35 14.98
N LEU C 165 8.12 0.61 13.27
CA LEU C 165 8.37 1.66 12.22
C LEU C 165 9.39 2.66 12.77
N ALA C 166 10.43 2.91 11.97
CA ALA C 166 11.59 3.70 12.39
C ALA C 166 11.20 5.16 12.56
N TYR C 167 10.28 5.63 11.69
CA TYR C 167 9.77 6.99 11.77
C TYR C 167 8.25 6.92 11.64
N HIS C 168 7.54 7.44 12.66
CA HIS C 168 6.10 7.39 12.60
C HIS C 168 5.54 8.29 11.49
N GLN C 169 4.39 7.89 10.92
CA GLN C 169 3.91 8.53 9.73
C GLN C 169 2.50 9.02 9.93
N LEU C 170 2.18 10.04 9.11
CA LEU C 170 0.80 10.45 9.00
C LEU C 170 0.52 10.74 7.54
N ASN C 171 -0.65 10.33 7.10
CA ASN C 171 -1.11 10.59 5.76
C ASN C 171 -2.56 11.07 5.89
N ALA C 172 -2.92 12.07 5.14
CA ALA C 172 -4.23 12.68 5.16
C ALA C 172 -4.71 12.79 3.73
N TYR C 173 -5.81 12.11 3.49
CA TYR C 173 -6.51 12.07 2.22
C TYR C 173 -7.79 12.90 2.32
N VAL C 174 -8.09 13.64 1.28
CA VAL C 174 -9.38 14.28 1.18
C VAL C 174 -9.96 13.96 -0.19
N ASP C 175 -11.15 13.39 -0.20
CA ASP C 175 -11.87 13.05 -1.41
C ASP C 175 -10.99 12.11 -2.24
N GLY C 176 -10.24 11.24 -1.57
CA GLY C 176 -9.35 10.31 -2.25
C GLY C 176 -7.93 10.82 -2.51
N GLU C 177 -7.71 12.13 -2.54
CA GLU C 177 -6.39 12.65 -2.85
C GLU C 177 -5.55 12.90 -1.58
N LEU C 178 -4.29 12.46 -1.60
CA LEU C 178 -3.30 12.67 -0.56
C LEU C 178 -2.87 14.14 -0.52
N LEU C 179 -3.20 14.86 0.56
CA LEU C 179 -2.95 16.29 0.61
C LEU C 179 -1.84 16.60 1.60
N HIS C 180 -1.40 15.61 2.39
CA HIS C 180 -0.47 15.90 3.48
C HIS C 180 0.12 14.58 3.94
N SER C 181 1.43 14.56 4.16
CA SER C 181 2.14 13.38 4.66
C SER C 181 3.28 13.81 5.56
N ILE C 182 3.57 12.98 6.51
CA ILE C 182 4.75 13.12 7.34
C ILE C 182 5.45 11.77 7.36
N ASP C 183 6.70 11.76 6.88
CA ASP C 183 7.42 10.49 6.85
C ASP C 183 8.88 10.65 7.26
N ALA C 184 9.32 11.86 7.63
CA ALA C 184 10.66 12.07 8.14
C ALA C 184 10.70 13.35 8.95
N ALA C 185 11.71 13.44 9.82
CA ALA C 185 11.99 14.59 10.66
C ALA C 185 11.87 15.90 9.89
N ASN C 186 12.26 15.88 8.61
CA ASN C 186 12.31 17.10 7.83
C ASN C 186 10.96 17.55 7.28
N ASP C 187 9.90 16.76 7.54
CA ASP C 187 8.53 17.16 7.24
C ASP C 187 8.02 18.10 8.32
N TRP C 188 8.65 18.15 9.50
CA TRP C 188 8.36 19.14 10.49
C TRP C 188 9.19 20.40 10.29
N ASN C 189 8.58 21.57 10.48
CA ASN C 189 9.27 22.84 10.34
C ASN C 189 10.39 23.03 11.35
N ASN C 190 10.20 22.59 12.58
CA ASN C 190 11.06 22.97 13.67
C ASN C 190 11.88 21.78 14.16
N GLY C 191 12.02 20.72 13.33
CA GLY C 191 13.05 19.71 13.54
C GLY C 191 12.59 18.27 13.77
N GLY C 192 11.33 18.13 14.23
CA GLY C 192 10.69 16.85 14.37
C GLY C 192 10.35 16.55 15.83
N VAL C 193 9.42 17.34 16.38
CA VAL C 193 8.81 16.99 17.67
C VAL C 193 9.93 16.71 18.68
N ASN C 194 10.84 17.69 18.78
CA ASN C 194 11.96 17.68 19.71
C ASN C 194 12.67 16.34 19.64
N GLY C 195 13.01 15.89 18.43
CA GLY C 195 13.96 14.79 18.28
C GLY C 195 13.33 13.39 18.46
N ASN C 196 11.99 13.31 18.52
CA ASN C 196 11.32 12.03 18.76
C ASN C 196 10.89 11.42 17.44
N ALA C 197 11.57 10.35 17.02
CA ALA C 197 11.17 9.66 15.80
C ALA C 197 9.87 8.86 16.00
N HIS C 198 9.55 8.51 17.23
CA HIS C 198 8.35 7.75 17.56
C HIS C 198 7.31 8.72 18.15
N TRP C 199 6.91 9.75 17.38
CA TRP C 199 6.20 10.91 17.87
C TRP C 199 4.72 10.64 18.06
N LEU C 200 4.19 9.48 17.68
CA LEU C 200 2.84 9.12 17.96
C LEU C 200 2.77 8.22 19.18
N ASP C 201 3.86 8.04 19.93
CA ASP C 201 3.85 7.20 21.13
C ASP C 201 3.03 7.96 22.15
N GLY C 202 2.06 7.26 22.75
CA GLY C 202 1.37 7.83 23.91
C GLY C 202 0.12 8.60 23.48
N LYS C 203 -0.03 8.81 22.16
CA LYS C 203 -1.03 9.67 21.58
C LYS C 203 -2.34 8.94 21.32
N PHE C 204 -2.32 7.62 21.22
CA PHE C 204 -3.48 6.88 20.79
C PHE C 204 -4.35 6.48 21.96
N ASN C 205 -4.72 7.36 22.87
CA ASN C 205 -5.67 6.96 23.89
C ASN C 205 -7.06 7.46 23.59
N TYR C 206 -7.15 8.57 22.87
CA TYR C 206 -8.44 9.09 22.50
C TYR C 206 -8.40 9.56 21.06
N ALA C 207 -9.53 9.49 20.38
CA ALA C 207 -9.68 10.12 19.06
C ALA C 207 -10.67 11.25 19.23
N PHE C 208 -10.53 12.35 18.51
CA PHE C 208 -11.51 13.39 18.70
C PHE C 208 -11.82 14.00 17.34
N PHE C 209 -13.00 14.57 17.26
CA PHE C 209 -13.43 15.25 16.07
C PHE C 209 -14.18 16.49 16.51
N GLY C 210 -14.15 17.48 15.63
CA GLY C 210 -15.00 18.66 15.72
C GLY C 210 -14.19 19.89 15.30
N TRP C 211 -14.21 20.97 16.09
CA TRP C 211 -13.59 22.18 15.61
C TRP C 211 -12.89 22.86 16.73
N HIS C 212 -11.65 23.30 16.49
CA HIS C 212 -10.88 24.11 17.43
C HIS C 212 -9.93 25.00 16.64
N SER C 213 -10.03 26.30 16.83
CA SER C 213 -9.23 27.28 16.08
C SER C 213 -8.32 27.99 17.04
N PHE C 214 -7.03 28.13 16.70
CA PHE C 214 -6.07 29.03 17.33
C PHE C 214 -5.78 30.21 16.42
N SER C 215 -6.68 30.47 15.46
CA SER C 215 -6.64 31.62 14.58
C SER C 215 -7.84 32.51 14.82
N ASN C 216 -8.51 32.29 15.97
CA ASN C 216 -9.72 33.02 16.34
C ASN C 216 -10.80 32.96 15.26
N ASN C 217 -10.99 31.80 14.61
CA ASN C 217 -12.05 31.63 13.68
C ASN C 217 -13.19 30.80 14.26
N ASP C 218 -14.36 31.41 14.35
CA ASP C 218 -15.57 30.75 14.80
C ASP C 218 -16.09 29.98 13.59
N ALA C 219 -16.60 28.75 13.82
CA ALA C 219 -16.98 27.89 12.72
C ALA C 219 -18.08 26.95 13.16
N ASP C 220 -18.92 26.65 12.15
CA ASP C 220 -19.83 25.54 12.22
C ASP C 220 -19.26 24.42 11.33
N VAL C 221 -19.19 23.24 11.90
CA VAL C 221 -18.73 22.06 11.20
C VAL C 221 -19.77 20.99 11.46
N TRP C 222 -20.14 20.27 10.42
CA TRP C 222 -20.92 19.06 10.56
C TRP C 222 -20.06 17.90 10.10
N MET C 223 -20.22 16.79 10.79
CA MET C 223 -19.53 15.59 10.39
C MET C 223 -20.53 14.44 10.40
N ASP C 224 -20.23 13.45 9.59
CA ASP C 224 -21.08 12.31 9.48
C ASP C 224 -20.22 11.14 9.06
N ASP C 225 -20.77 9.95 9.28
CA ASP C 225 -20.23 8.67 8.85
C ASP C 225 -18.82 8.55 9.36
N ILE C 226 -18.64 8.79 10.63
CA ILE C 226 -17.33 8.70 11.21
C ILE C 226 -16.96 7.22 11.31
N GLU C 227 -15.71 6.90 11.02
CA GLU C 227 -15.13 5.59 11.30
C GLU C 227 -13.74 5.75 11.95
N MET C 228 -13.45 4.83 12.89
CA MET C 228 -12.08 4.64 13.29
C MET C 228 -11.75 3.16 13.39
N SER C 229 -10.50 2.87 13.17
CA SER C 229 -10.11 1.53 12.88
C SER C 229 -8.60 1.42 13.00
N ASP C 230 -8.11 0.21 13.26
CA ASP C 230 -6.67 0.00 13.13
C ASP C 230 -6.33 -0.74 11.85
N ALA C 231 -7.27 -0.73 10.92
CA ALA C 231 -7.04 -1.22 9.59
C ALA C 231 -7.51 -0.20 8.57
N PRO C 232 -6.89 -0.20 7.38
CA PRO C 232 -7.16 0.83 6.36
C PRO C 232 -8.64 1.09 6.10
N LEU C 233 -8.94 2.39 6.06
CA LEU C 233 -10.19 2.95 5.59
C LEU C 233 -9.88 3.77 4.34
N THR C 234 -10.88 3.93 3.47
CA THR C 234 -10.81 4.72 2.25
C THR C 234 -12.22 5.26 1.96
N CYS C 235 -12.36 6.21 1.03
CA CYS C 235 -13.67 6.57 0.48
C CYS C 235 -13.90 5.90 -0.89
CA CA D . -7.54 -12.55 -21.43
CA CA E . 15.53 17.30 -2.68
CA CA F . -25.97 10.31 9.28
#